data_303D
# 
_entry.id   303D 
# 
_audit_conform.dict_name       mmcif_pdbx.dic 
_audit_conform.dict_version    5.389 
_audit_conform.dict_location   http://mmcif.pdb.org/dictionaries/ascii/mmcif_pdbx.dic 
# 
loop_
_database_2.database_id 
_database_2.database_code 
_database_2.pdbx_database_accession 
_database_2.pdbx_DOI 
PDB   303D         pdb_0000303d 10.2210/pdb303d/pdb 
RCSB  GDL048       ?            ?                   
WWPDB D_1000178771 ?            ?                   
# 
loop_
_pdbx_audit_revision_history.ordinal 
_pdbx_audit_revision_history.data_content_type 
_pdbx_audit_revision_history.major_revision 
_pdbx_audit_revision_history.minor_revision 
_pdbx_audit_revision_history.revision_date 
1 'Structure model' 1 0 1997-01-20 
2 'Structure model' 1 1 2008-05-22 
3 'Structure model' 1 2 2011-07-13 
4 'Structure model' 1 3 2024-02-21 
5 'Structure model' 1 4 2024-04-03 
# 
_pdbx_audit_revision_details.ordinal             1 
_pdbx_audit_revision_details.revision_ordinal    1 
_pdbx_audit_revision_details.data_content_type   'Structure model' 
_pdbx_audit_revision_details.provider            repository 
_pdbx_audit_revision_details.type                'Initial release' 
_pdbx_audit_revision_details.description         ? 
_pdbx_audit_revision_details.details             ? 
# 
loop_
_pdbx_audit_revision_group.ordinal 
_pdbx_audit_revision_group.revision_ordinal 
_pdbx_audit_revision_group.data_content_type 
_pdbx_audit_revision_group.group 
1 2 'Structure model' 'Version format compliance' 
2 3 'Structure model' 'Version format compliance' 
3 4 'Structure model' 'Data collection'           
4 4 'Structure model' 'Database references'       
5 4 'Structure model' 'Derived calculations'      
6 5 'Structure model' 'Refinement description'    
# 
loop_
_pdbx_audit_revision_category.ordinal 
_pdbx_audit_revision_category.revision_ordinal 
_pdbx_audit_revision_category.data_content_type 
_pdbx_audit_revision_category.category 
1 4 'Structure model' chem_comp_atom                
2 4 'Structure model' chem_comp_bond                
3 4 'Structure model' database_2                    
4 4 'Structure model' struct_site                   
5 5 'Structure model' pdbx_initial_refinement_model 
# 
loop_
_pdbx_audit_revision_item.ordinal 
_pdbx_audit_revision_item.revision_ordinal 
_pdbx_audit_revision_item.data_content_type 
_pdbx_audit_revision_item.item 
1 4 'Structure model' '_database_2.pdbx_DOI'                
2 4 'Structure model' '_database_2.pdbx_database_accession' 
3 4 'Structure model' '_struct_site.pdbx_auth_asym_id'      
4 4 'Structure model' '_struct_site.pdbx_auth_comp_id'      
5 4 'Structure model' '_struct_site.pdbx_auth_seq_id'       
# 
_pdbx_database_status.status_code                     REL 
_pdbx_database_status.entry_id                        303D 
_pdbx_database_status.recvd_initial_deposition_date   1996-06-26 
_pdbx_database_status.deposit_site                    NDB 
_pdbx_database_status.process_site                    NDB 
_pdbx_database_status.status_code_sf                  REL 
_pdbx_database_status.status_code_mr                  ? 
_pdbx_database_status.SG_entry                        ? 
_pdbx_database_status.pdb_format_compatible           Y 
_pdbx_database_status.status_code_cs                  ? 
_pdbx_database_status.status_code_nmr_data            ? 
_pdbx_database_status.methods_development_category    ? 
# 
loop_
_audit_author.name 
_audit_author.pdbx_ordinal 
'Clark, G.R.'  1 
'Squire, C.J.' 2 
'Gray, E.J.'   3 
'Leupin, W.'   4 
'Neidle, S.'   5 
# 
loop_
_citation.id 
_citation.title 
_citation.journal_abbrev 
_citation.journal_volume 
_citation.page_first 
_citation.page_last 
_citation.year 
_citation.journal_id_ASTM 
_citation.country 
_citation.journal_id_ISSN 
_citation.journal_id_CSD 
_citation.book_publisher 
_citation.pdbx_database_id_PubMed 
_citation.pdbx_database_id_DOI 
primary 'Designer DNA-binding drugs: the crystal structure of a meta-hydroxy analogue of Hoechst 33258 bound to d(CGCGAATTCGCG)2.' 
'Nucleic Acids Res.'    24 4882 4889 1996 NARHAD UK 0305-1048 0389 ? 9017011 10.1093/nar/24.24.4882 
1       'Synthesis, DNA binding, footprinting and in vitro antitumour studies of a meta-hydroxy analogue of Hoechst 33258'         
'Anti-Cancer Drug Des.' 10 463  479  1995 ACDDEA UK 0266-9536 0807 ? ?       ?                      
2       'The Molecular Structure of the Complex of Hoechst 33258 and the DNA Dodecamer d(CGCGAATTCGCG)2'                           
'Nucleic Acids Res.'    16 2671 2690 1988 NARHAD UK 0305-1048 0389 ? ?       ?                      
# 
loop_
_citation_author.citation_id 
_citation_author.name 
_citation_author.ordinal 
_citation_author.identifier_ORCID 
primary 'Clark, G.R.'     1  ? 
primary 'Squire, C.J.'    2  ? 
primary 'Gray, E.J.'      3  ? 
primary 'Leupin, W.'      4  ? 
primary 'Neidle, S.'      5  ? 
1       'Ebrahimi, S.E.'  6  ? 
1       'Bibby, M.C.'     7  ? 
1       'Fox, K.R.'       8  ? 
1       'Douglas, K.T.'   9  ? 
2       'Teng, M.'        10 ? 
2       'Usman, N.'       11 ? 
2       'Frederick, C.A.' 12 ? 
2       'Wang, A.H.-J.'   13 ? 
# 
loop_
_entity.id 
_entity.type 
_entity.src_method 
_entity.pdbx_description 
_entity.formula_weight 
_entity.pdbx_number_of_molecules 
_entity.pdbx_ec 
_entity.pdbx_mutation 
_entity.pdbx_fragment 
_entity.details 
1 polymer     syn 
;DNA (5'-D(*CP*GP*CP*GP*AP*AP*TP*TP*CP*GP*CP*G)-3')
;
3663.392 2  ? ? ? ? 
2 non-polymer syn '3-[5-[5-(4-METHYL-PIPERAZIN-1-YL)-1H-IMIDAZO[4,5-B]PYRIDIN-2-YL]-BENZIMIDAZOL-2-YL]-PHENOL' 425.486  1  ? ? ? ? 
3 non-polymer syn 'MAGNESIUM ION'                                                                              24.305   1  ? ? ? ? 
4 water       nat water                                                                                        18.015   84 ? ? ? ? 
# 
_entity_poly.entity_id                      1 
_entity_poly.type                           polydeoxyribonucleotide 
_entity_poly.nstd_linkage                   no 
_entity_poly.nstd_monomer                   no 
_entity_poly.pdbx_seq_one_letter_code       '(DC)(DG)(DC)(DG)(DA)(DA)(DT)(DT)(DC)(DG)(DC)(DG)' 
_entity_poly.pdbx_seq_one_letter_code_can   CGCGAATTCGCG 
_entity_poly.pdbx_strand_id                 A,B 
_entity_poly.pdbx_target_identifier         ? 
# 
loop_
_pdbx_entity_nonpoly.entity_id 
_pdbx_entity_nonpoly.name 
_pdbx_entity_nonpoly.comp_id 
2 '3-[5-[5-(4-METHYL-PIPERAZIN-1-YL)-1H-IMIDAZO[4,5-B]PYRIDIN-2-YL]-BENZIMIDAZOL-2-YL]-PHENOL' RO2 
3 'MAGNESIUM ION'                                                                              MG  
4 water                                                                                        HOH 
# 
loop_
_entity_poly_seq.entity_id 
_entity_poly_seq.num 
_entity_poly_seq.mon_id 
_entity_poly_seq.hetero 
1 1  DC n 
1 2  DG n 
1 3  DC n 
1 4  DG n 
1 5  DA n 
1 6  DA n 
1 7  DT n 
1 8  DT n 
1 9  DC n 
1 10 DG n 
1 11 DC n 
1 12 DG n 
# 
loop_
_chem_comp.id 
_chem_comp.type 
_chem_comp.mon_nstd_flag 
_chem_comp.name 
_chem_comp.pdbx_synonyms 
_chem_comp.formula 
_chem_comp.formula_weight 
DA  'DNA linking' y "2'-DEOXYADENOSINE-5'-MONOPHOSPHATE"                                                         ? 
'C10 H14 N5 O6 P' 331.222 
DC  'DNA linking' y "2'-DEOXYCYTIDINE-5'-MONOPHOSPHATE"                                                          ? 
'C9 H14 N3 O7 P'  307.197 
DG  'DNA linking' y "2'-DEOXYGUANOSINE-5'-MONOPHOSPHATE"                                                         ? 
'C10 H14 N5 O7 P' 347.221 
DT  'DNA linking' y "THYMIDINE-5'-MONOPHOSPHATE"                                                                 ? 
'C10 H15 N2 O8 P' 322.208 
HOH non-polymer   . WATER                                                                                        ? 'H2 O' 18.015  
MG  non-polymer   . 'MAGNESIUM ION'                                                                              ? 'Mg 2' 24.305  
RO2 non-polymer   . '3-[5-[5-(4-METHYL-PIPERAZIN-1-YL)-1H-IMIDAZO[4,5-B]PYRIDIN-2-YL]-BENZIMIDAZOL-2-YL]-PHENOL' 
'META-OH(N) HOECHST' 'C24 H23 N7 O'    425.486 
# 
loop_
_pdbx_poly_seq_scheme.asym_id 
_pdbx_poly_seq_scheme.entity_id 
_pdbx_poly_seq_scheme.seq_id 
_pdbx_poly_seq_scheme.mon_id 
_pdbx_poly_seq_scheme.ndb_seq_num 
_pdbx_poly_seq_scheme.pdb_seq_num 
_pdbx_poly_seq_scheme.auth_seq_num 
_pdbx_poly_seq_scheme.pdb_mon_id 
_pdbx_poly_seq_scheme.auth_mon_id 
_pdbx_poly_seq_scheme.pdb_strand_id 
_pdbx_poly_seq_scheme.pdb_ins_code 
_pdbx_poly_seq_scheme.hetero 
A 1 1  DC 1  1  1  DC C A . n 
A 1 2  DG 2  2  2  DG G A . n 
A 1 3  DC 3  3  3  DC C A . n 
A 1 4  DG 4  4  4  DG G A . n 
A 1 5  DA 5  5  5  DA A A . n 
A 1 6  DA 6  6  6  DA A A . n 
A 1 7  DT 7  7  7  DT T A . n 
A 1 8  DT 8  8  8  DT T A . n 
A 1 9  DC 9  9  9  DC C A . n 
A 1 10 DG 10 10 10 DG G A . n 
A 1 11 DC 11 11 11 DC C A . n 
A 1 12 DG 12 12 12 DG G A . n 
B 1 1  DC 1  13 13 DC C B . n 
B 1 2  DG 2  14 14 DG G B . n 
B 1 3  DC 3  15 15 DC C B . n 
B 1 4  DG 4  16 16 DG G B . n 
B 1 5  DA 5  17 17 DA A B . n 
B 1 6  DA 6  18 18 DA A B . n 
B 1 7  DT 7  19 19 DT T B . n 
B 1 8  DT 8  20 20 DT T B . n 
B 1 9  DC 9  21 21 DC C B . n 
B 1 10 DG 10 22 22 DG G B . n 
B 1 11 DC 11 23 23 DC C B . n 
B 1 12 DG 12 24 24 DG G B . n 
# 
loop_
_pdbx_nonpoly_scheme.asym_id 
_pdbx_nonpoly_scheme.entity_id 
_pdbx_nonpoly_scheme.mon_id 
_pdbx_nonpoly_scheme.ndb_seq_num 
_pdbx_nonpoly_scheme.pdb_seq_num 
_pdbx_nonpoly_scheme.auth_seq_num 
_pdbx_nonpoly_scheme.pdb_mon_id 
_pdbx_nonpoly_scheme.auth_mon_id 
_pdbx_nonpoly_scheme.pdb_strand_id 
_pdbx_nonpoly_scheme.pdb_ins_code 
C 2 RO2 1  25  25  RO2 RO2 A . 
D 3 MG  1  26  26  MG  MG  A . 
E 4 HOH 1  28  28  HOH HOH A . 
E 4 HOH 2  29  29  HOH HOH A . 
E 4 HOH 3  30  30  HOH HOH A . 
E 4 HOH 4  33  33  HOH HOH A . 
E 4 HOH 5  34  34  HOH HOH A . 
E 4 HOH 6  37  37  HOH HOH A . 
E 4 HOH 7  38  38  HOH HOH A . 
E 4 HOH 8  39  39  HOH HOH A . 
E 4 HOH 9  40  40  HOH HOH A . 
E 4 HOH 10 42  42  HOH HOH A . 
E 4 HOH 11 43  43  HOH HOH A . 
E 4 HOH 12 45  45  HOH HOH A . 
E 4 HOH 13 46  46  HOH HOH A . 
E 4 HOH 14 47  47  HOH HOH A . 
E 4 HOH 15 48  48  HOH HOH A . 
E 4 HOH 16 49  49  HOH HOH A . 
E 4 HOH 17 50  50  HOH HOH A . 
E 4 HOH 18 55  55  HOH HOH A . 
E 4 HOH 19 57  57  HOH HOH A . 
E 4 HOH 20 58  58  HOH HOH A . 
E 4 HOH 21 59  59  HOH HOH A . 
E 4 HOH 22 61  61  HOH HOH A . 
E 4 HOH 23 62  62  HOH HOH A . 
E 4 HOH 24 63  63  HOH HOH A . 
E 4 HOH 25 64  64  HOH HOH A . 
E 4 HOH 26 65  65  HOH HOH A . 
E 4 HOH 27 66  66  HOH HOH A . 
E 4 HOH 28 69  69  HOH HOH A . 
E 4 HOH 29 70  70  HOH HOH A . 
E 4 HOH 30 71  71  HOH HOH A . 
E 4 HOH 31 72  72  HOH HOH A . 
E 4 HOH 32 73  73  HOH HOH A . 
E 4 HOH 33 74  74  HOH HOH A . 
E 4 HOH 34 75  75  HOH HOH A . 
E 4 HOH 35 77  77  HOH HOH A . 
E 4 HOH 36 80  80  HOH HOH A . 
E 4 HOH 37 81  81  HOH HOH A . 
E 4 HOH 38 82  82  HOH HOH A . 
E 4 HOH 39 83  83  HOH HOH A . 
E 4 HOH 40 84  84  HOH HOH A . 
E 4 HOH 41 86  86  HOH HOH A . 
E 4 HOH 42 87  87  HOH HOH A . 
E 4 HOH 43 89  89  HOH HOH A . 
E 4 HOH 44 90  90  HOH HOH A . 
E 4 HOH 45 91  91  HOH HOH A . 
E 4 HOH 46 92  92  HOH HOH A . 
E 4 HOH 47 93  93  HOH HOH A . 
E 4 HOH 48 95  95  HOH HOH A . 
E 4 HOH 49 96  96  HOH HOH A . 
E 4 HOH 50 97  97  HOH HOH A . 
E 4 HOH 51 98  98  HOH HOH A . 
E 4 HOH 52 100 100 HOH HOH A . 
E 4 HOH 53 101 101 HOH HOH A . 
E 4 HOH 54 102 102 HOH HOH A . 
E 4 HOH 55 103 103 HOH HOH A . 
E 4 HOH 56 104 104 HOH HOH A . 
E 4 HOH 57 106 106 HOH HOH A . 
E 4 HOH 58 107 107 HOH HOH A . 
E 4 HOH 59 108 108 HOH HOH A . 
E 4 HOH 60 110 110 HOH HOH A . 
F 4 HOH 1  27  27  HOH HOH B . 
F 4 HOH 2  31  31  HOH HOH B . 
F 4 HOH 3  32  32  HOH HOH B . 
F 4 HOH 4  35  35  HOH HOH B . 
F 4 HOH 5  36  36  HOH HOH B . 
F 4 HOH 6  41  41  HOH HOH B . 
F 4 HOH 7  44  44  HOH HOH B . 
F 4 HOH 8  51  51  HOH HOH B . 
F 4 HOH 9  52  52  HOH HOH B . 
F 4 HOH 10 53  53  HOH HOH B . 
F 4 HOH 11 54  54  HOH HOH B . 
F 4 HOH 12 56  56  HOH HOH B . 
F 4 HOH 13 60  60  HOH HOH B . 
F 4 HOH 14 67  67  HOH HOH B . 
F 4 HOH 15 68  68  HOH HOH B . 
F 4 HOH 16 76  76  HOH HOH B . 
F 4 HOH 17 78  78  HOH HOH B . 
F 4 HOH 18 79  79  HOH HOH B . 
F 4 HOH 19 85  85  HOH HOH B . 
F 4 HOH 20 88  88  HOH HOH B . 
F 4 HOH 21 94  94  HOH HOH B . 
F 4 HOH 22 99  99  HOH HOH B . 
F 4 HOH 23 105 105 HOH HOH B . 
F 4 HOH 24 109 109 HOH HOH B . 
# 
loop_
_software.name 
_software.classification 
_software.version 
_software.citation_id 
_software.pdbx_ordinal 
X-PLOR refinement       . ? 1 
XENGEN 'data reduction' . ? 2 
# 
_cell.entry_id           303D 
_cell.length_a           24.620 
_cell.length_b           40.350 
_cell.length_c           66.230 
_cell.angle_alpha        90.00 
_cell.angle_beta         90.00 
_cell.angle_gamma        90.00 
_cell.Z_PDB              8 
_cell.pdbx_unique_axis   ? 
# 
_symmetry.entry_id                         303D 
_symmetry.space_group_name_H-M             'P 21 21 21' 
_symmetry.pdbx_full_space_group_name_H-M   ? 
_symmetry.cell_setting                     ? 
_symmetry.Int_Tables_number                19 
# 
_exptl.entry_id          303D 
_exptl.method            'X-RAY DIFFRACTION' 
_exptl.crystals_number   ? 
# 
_exptl_crystal.id                    1 
_exptl_crystal.density_meas          ? 
_exptl_crystal.density_Matthews      2.24 
_exptl_crystal.density_percent_sol   45.21 
_exptl_crystal.description           ? 
# 
_exptl_crystal_grow.crystal_id      1 
_exptl_crystal_grow.method          'VAPOR DIFFUSION, HANGING DROP' 
_exptl_crystal_grow.temp            291.00 
_exptl_crystal_grow.temp_details    ? 
_exptl_crystal_grow.pH              7.00 
_exptl_crystal_grow.pdbx_details    'pH 7.00, VAPOR DIFFUSION, HANGING DROP, temperature 291.00K' 
_exptl_crystal_grow.pdbx_pH_range   ? 
# 
loop_
_exptl_crystal_grow_comp.crystal_id 
_exptl_crystal_grow_comp.id 
_exptl_crystal_grow_comp.sol_id 
_exptl_crystal_grow_comp.name 
_exptl_crystal_grow_comp.volume 
_exptl_crystal_grow_comp.conc 
_exptl_crystal_grow_comp.details 
1 1 1 WATER           ? ? ? 
1 2 1 MPD             ? ? ? 
1 3 1 'NA CACODYLATE' ? ? ? 
1 4 1 MGCL2           ? ? ? 
1 5 2 WATER           ? ? ? 
1 6 2 MPD             ? ? ? 
# 
_diffrn.id                     1 
_diffrn.ambient_temp           293.00 
_diffrn.ambient_temp_details   ? 
_diffrn.crystal_id             1 
# 
_diffrn_detector.diffrn_id              1 
_diffrn_detector.detector               'AREA DETECTOR' 
_diffrn_detector.type                   XENTRONICS 
_diffrn_detector.pdbx_collection_date   1995-09-08 
_diffrn_detector.details                ? 
# 
_diffrn_radiation.diffrn_id                        1 
_diffrn_radiation.wavelength_id                    1 
_diffrn_radiation.pdbx_monochromatic_or_laue_m_l   M 
_diffrn_radiation.monochromator                    ? 
_diffrn_radiation.pdbx_diffrn_protocol             ? 
_diffrn_radiation.pdbx_scattering_type             x-ray 
# 
_diffrn_radiation_wavelength.id           1 
_diffrn_radiation_wavelength.wavelength   1.5418 
_diffrn_radiation_wavelength.wt           1.0 
# 
_diffrn_source.diffrn_id                   1 
_diffrn_source.source                      'ROTATING ANODE' 
_diffrn_source.type                        ? 
_diffrn_source.pdbx_synchrotron_site       ? 
_diffrn_source.pdbx_synchrotron_beamline   ? 
_diffrn_source.pdbx_wavelength             1.5418 
_diffrn_source.pdbx_wavelength_list        ? 
# 
_reflns.entry_id                     303D 
_reflns.observed_criterion_sigma_I   ? 
_reflns.observed_criterion_sigma_F   ? 
_reflns.d_resolution_low             ? 
_reflns.d_resolution_high            2.200 
_reflns.number_obs                   3292 
_reflns.number_all                   ? 
_reflns.percent_possible_obs         93.000 
_reflns.pdbx_Rmerge_I_obs            0.0450000 
_reflns.pdbx_Rsym_value              ? 
_reflns.pdbx_netI_over_sigmaI        ? 
_reflns.B_iso_Wilson_estimate        ? 
_reflns.pdbx_redundancy              ? 
_reflns.pdbx_diffrn_id               1 
_reflns.pdbx_ordinal                 1 
# 
_refine.entry_id                                 303D 
_refine.ls_number_reflns_obs                     3097 
_refine.ls_number_reflns_all                     ? 
_refine.pdbx_ls_sigma_I                          ? 
_refine.pdbx_ls_sigma_F                          2.000 
_refine.pdbx_data_cutoff_high_absF               ? 
_refine.pdbx_data_cutoff_low_absF                ? 
_refine.pdbx_data_cutoff_high_rms_absF           ? 
_refine.ls_d_res_low                             8.000 
_refine.ls_d_res_high                            2.200 
_refine.ls_percent_reflns_obs                    ? 
_refine.ls_R_factor_obs                          0.2040000 
_refine.ls_R_factor_all                          ? 
_refine.ls_R_factor_R_work                       0.2040000 
_refine.ls_R_factor_R_free                       ? 
_refine.ls_R_factor_R_free_error                 ? 
_refine.ls_R_factor_R_free_error_details         ? 
_refine.ls_percent_reflns_R_free                 ? 
_refine.ls_number_reflns_R_free                  ? 
_refine.ls_number_parameters                     ? 
_refine.ls_number_restraints                     ? 
_refine.occupancy_min                            ? 
_refine.occupancy_max                            ? 
_refine.B_iso_mean                               ? 
_refine.aniso_B[1][1]                            ? 
_refine.aniso_B[2][2]                            ? 
_refine.aniso_B[3][3]                            ? 
_refine.aniso_B[1][2]                            ? 
_refine.aniso_B[1][3]                            ? 
_refine.aniso_B[2][3]                            ? 
_refine.solvent_model_details                    ? 
_refine.solvent_model_param_ksol                 ? 
_refine.solvent_model_param_bsol                 ? 
_refine.pdbx_ls_cross_valid_method               ? 
_refine.details                                  ? 
_refine.pdbx_starting_model                      BDL020 
_refine.pdbx_method_to_determine_struct          ? 
_refine.pdbx_isotropic_thermal_model             ? 
_refine.pdbx_stereochemistry_target_values       ? 
_refine.pdbx_stereochem_target_val_spec_case     ? 
_refine.pdbx_R_Free_selection_details            ? 
_refine.pdbx_overall_ESU_R                       ? 
_refine.pdbx_overall_ESU_R_Free                  ? 
_refine.overall_SU_ML                            ? 
_refine.overall_SU_B                             ? 
_refine.pdbx_refine_id                           'X-RAY DIFFRACTION' 
_refine.pdbx_diffrn_id                           1 
_refine.pdbx_TLS_residual_ADP_flag               ? 
_refine.correlation_coeff_Fo_to_Fc               ? 
_refine.correlation_coeff_Fo_to_Fc_free          ? 
_refine.pdbx_solvent_vdw_probe_radii             ? 
_refine.pdbx_solvent_ion_probe_radii             ? 
_refine.pdbx_solvent_shrinkage_radii             ? 
_refine.pdbx_overall_phase_error                 ? 
_refine.overall_SU_R_Cruickshank_DPI             ? 
_refine.pdbx_overall_SU_R_free_Cruickshank_DPI   ? 
_refine.pdbx_overall_SU_R_Blow_DPI               ? 
_refine.pdbx_overall_SU_R_free_Blow_DPI          ? 
# 
_refine_hist.pdbx_refine_id                   'X-RAY DIFFRACTION' 
_refine_hist.cycle_id                         LAST 
_refine_hist.pdbx_number_atoms_protein        0 
_refine_hist.pdbx_number_atoms_nucleic_acid   486 
_refine_hist.pdbx_number_atoms_ligand         33 
_refine_hist.number_atoms_solvent             84 
_refine_hist.number_atoms_total               603 
_refine_hist.d_res_high                       2.200 
_refine_hist.d_res_low                        8.000 
# 
loop_
_refine_ls_restr.type 
_refine_ls_restr.dev_ideal 
_refine_ls_restr.dev_ideal_target 
_refine_ls_restr.weight 
_refine_ls_restr.number 
_refine_ls_restr.pdbx_refine_id 
_refine_ls_restr.pdbx_restraint_function 
x_bond_d                0.024 ? ? ? 'X-RAY DIFFRACTION' ? 
x_bond_d_na             ?     ? ? ? 'X-RAY DIFFRACTION' ? 
x_bond_d_prot           ?     ? ? ? 'X-RAY DIFFRACTION' ? 
x_angle_d               ?     ? ? ? 'X-RAY DIFFRACTION' ? 
x_angle_d_na            ?     ? ? ? 'X-RAY DIFFRACTION' ? 
x_angle_d_prot          ?     ? ? ? 'X-RAY DIFFRACTION' ? 
x_angle_deg             1.51  ? ? ? 'X-RAY DIFFRACTION' ? 
x_angle_deg_na          ?     ? ? ? 'X-RAY DIFFRACTION' ? 
x_angle_deg_prot        ?     ? ? ? 'X-RAY DIFFRACTION' ? 
x_dihedral_angle_d      ?     ? ? ? 'X-RAY DIFFRACTION' ? 
x_dihedral_angle_d_na   ?     ? ? ? 'X-RAY DIFFRACTION' ? 
x_dihedral_angle_d_prot ?     ? ? ? 'X-RAY DIFFRACTION' ? 
x_improper_angle_d      ?     ? ? ? 'X-RAY DIFFRACTION' ? 
x_improper_angle_d_na   ?     ? ? ? 'X-RAY DIFFRACTION' ? 
x_improper_angle_d_prot ?     ? ? ? 'X-RAY DIFFRACTION' ? 
x_mcbond_it             ?     ? ? ? 'X-RAY DIFFRACTION' ? 
x_mcangle_it            ?     ? ? ? 'X-RAY DIFFRACTION' ? 
x_scbond_it             ?     ? ? ? 'X-RAY DIFFRACTION' ? 
x_scangle_it            ?     ? ? ? 'X-RAY DIFFRACTION' ? 
# 
_struct.entry_id                  303D 
_struct.title                     
;META-HYDROXY ANALOGUE OF HOECHST 33258 ('HYDROXYL OUT' CONFORMATION) BOUND TO D(CGCGAATTCGCG)2
;
_struct.pdbx_model_details        ? 
_struct.pdbx_CASP_flag            ? 
_struct.pdbx_model_type_details   ? 
# 
_struct_keywords.entry_id        303D 
_struct_keywords.pdbx_keywords   DNA 
_struct_keywords.text            'B-DNA, DOUBLE HELIX, COMPLEXED WITH DRUG, DNA' 
# 
loop_
_struct_asym.id 
_struct_asym.pdbx_blank_PDB_chainid_flag 
_struct_asym.pdbx_modified 
_struct_asym.entity_id 
_struct_asym.details 
A N N 1 ? 
B N N 1 ? 
C N N 2 ? 
D N N 3 ? 
E N N 4 ? 
F N N 4 ? 
# 
_struct_ref.id                         1 
_struct_ref.entity_id                  1 
_struct_ref.db_name                    PDB 
_struct_ref.db_code                    303D 
_struct_ref.pdbx_db_accession          303D 
_struct_ref.pdbx_db_isoform            ? 
_struct_ref.pdbx_seq_one_letter_code   ? 
_struct_ref.pdbx_align_begin           ? 
# 
loop_
_struct_ref_seq.align_id 
_struct_ref_seq.ref_id 
_struct_ref_seq.pdbx_PDB_id_code 
_struct_ref_seq.pdbx_strand_id 
_struct_ref_seq.seq_align_beg 
_struct_ref_seq.pdbx_seq_align_beg_ins_code 
_struct_ref_seq.seq_align_end 
_struct_ref_seq.pdbx_seq_align_end_ins_code 
_struct_ref_seq.pdbx_db_accession 
_struct_ref_seq.db_align_beg 
_struct_ref_seq.pdbx_db_align_beg_ins_code 
_struct_ref_seq.db_align_end 
_struct_ref_seq.pdbx_db_align_end_ins_code 
_struct_ref_seq.pdbx_auth_seq_align_beg 
_struct_ref_seq.pdbx_auth_seq_align_end 
1 1 303D A 1 ? 12 ? 303D 1  ? 12 ? 1  12 
2 1 303D B 1 ? 12 ? 303D 13 ? 24 ? 13 24 
# 
_pdbx_struct_assembly.id                   1 
_pdbx_struct_assembly.details              author_defined_assembly 
_pdbx_struct_assembly.method_details       ? 
_pdbx_struct_assembly.oligomeric_details   dimeric 
_pdbx_struct_assembly.oligomeric_count     2 
# 
_pdbx_struct_assembly_gen.assembly_id       1 
_pdbx_struct_assembly_gen.oper_expression   1 
_pdbx_struct_assembly_gen.asym_id_list      A,B,C,D,E,F 
# 
_pdbx_struct_oper_list.id                   1 
_pdbx_struct_oper_list.type                 'identity operation' 
_pdbx_struct_oper_list.name                 1_555 
_pdbx_struct_oper_list.symmetry_operation   x,y,z 
_pdbx_struct_oper_list.matrix[1][1]         1.0000000000 
_pdbx_struct_oper_list.matrix[1][2]         0.0000000000 
_pdbx_struct_oper_list.matrix[1][3]         0.0000000000 
_pdbx_struct_oper_list.vector[1]            0.0000000000 
_pdbx_struct_oper_list.matrix[2][1]         0.0000000000 
_pdbx_struct_oper_list.matrix[2][2]         1.0000000000 
_pdbx_struct_oper_list.matrix[2][3]         0.0000000000 
_pdbx_struct_oper_list.vector[2]            0.0000000000 
_pdbx_struct_oper_list.matrix[3][1]         0.0000000000 
_pdbx_struct_oper_list.matrix[3][2]         0.0000000000 
_pdbx_struct_oper_list.matrix[3][3]         1.0000000000 
_pdbx_struct_oper_list.vector[3]            0.0000000000 
# 
_struct_biol.id   1 
# 
loop_
_struct_conn.id 
_struct_conn.conn_type_id 
_struct_conn.pdbx_leaving_atom_flag 
_struct_conn.pdbx_PDB_id 
_struct_conn.ptnr1_label_asym_id 
_struct_conn.ptnr1_label_comp_id 
_struct_conn.ptnr1_label_seq_id 
_struct_conn.ptnr1_label_atom_id 
_struct_conn.pdbx_ptnr1_label_alt_id 
_struct_conn.pdbx_ptnr1_PDB_ins_code 
_struct_conn.pdbx_ptnr1_standard_comp_id 
_struct_conn.ptnr1_symmetry 
_struct_conn.ptnr2_label_asym_id 
_struct_conn.ptnr2_label_comp_id 
_struct_conn.ptnr2_label_seq_id 
_struct_conn.ptnr2_label_atom_id 
_struct_conn.pdbx_ptnr2_label_alt_id 
_struct_conn.pdbx_ptnr2_PDB_ins_code 
_struct_conn.ptnr1_auth_asym_id 
_struct_conn.ptnr1_auth_comp_id 
_struct_conn.ptnr1_auth_seq_id 
_struct_conn.ptnr2_auth_asym_id 
_struct_conn.ptnr2_auth_comp_id 
_struct_conn.ptnr2_auth_seq_id 
_struct_conn.ptnr2_symmetry 
_struct_conn.pdbx_ptnr3_label_atom_id 
_struct_conn.pdbx_ptnr3_label_seq_id 
_struct_conn.pdbx_ptnr3_label_comp_id 
_struct_conn.pdbx_ptnr3_label_asym_id 
_struct_conn.pdbx_ptnr3_label_alt_id 
_struct_conn.pdbx_ptnr3_PDB_ins_code 
_struct_conn.details 
_struct_conn.pdbx_dist_value 
_struct_conn.pdbx_value_order 
_struct_conn.pdbx_role 
metalc1  metalc ? ? D MG .  MG ? ? ? 1_555 E HOH .  O  ? ? A MG 26 A HOH 37 1_555 ? ? ? ? ? ? ?            2.254 ? ? 
metalc2  metalc ? ? D MG .  MG ? ? ? 1_555 E HOH .  O  ? ? A MG 26 A HOH 39 1_555 ? ? ? ? ? ? ?            2.170 ? ? 
metalc3  metalc ? ? D MG .  MG ? ? ? 1_555 E HOH .  O  ? ? A MG 26 A HOH 40 1_555 ? ? ? ? ? ? ?            2.261 ? ? 
metalc4  metalc ? ? D MG .  MG ? ? ? 1_555 E HOH .  O  ? ? A MG 26 A HOH 42 1_555 ? ? ? ? ? ? ?            2.168 ? ? 
metalc5  metalc ? ? D MG .  MG ? ? ? 1_555 E HOH .  O  ? ? A MG 26 A HOH 43 1_555 ? ? ? ? ? ? ?            2.140 ? ? 
metalc6  metalc ? ? D MG .  MG ? ? ? 1_555 E HOH .  O  ? ? A MG 26 A HOH 98 1_555 ? ? ? ? ? ? ?            2.190 ? ? 
hydrog1  hydrog ? ? A DC 1  N3 ? ? ? 1_555 B DG  12 N1 ? ? A DC 1  B DG  24 1_555 ? ? ? ? ? ? WATSON-CRICK ?     ? ? 
hydrog2  hydrog ? ? A DC 1  N4 ? ? ? 1_555 B DG  12 O6 ? ? A DC 1  B DG  24 1_555 ? ? ? ? ? ? WATSON-CRICK ?     ? ? 
hydrog3  hydrog ? ? A DC 1  O2 ? ? ? 1_555 B DG  12 N2 ? ? A DC 1  B DG  24 1_555 ? ? ? ? ? ? WATSON-CRICK ?     ? ? 
hydrog4  hydrog ? ? A DG 2  N1 ? ? ? 1_555 B DC  11 N3 ? ? A DG 2  B DC  23 1_555 ? ? ? ? ? ? WATSON-CRICK ?     ? ? 
hydrog5  hydrog ? ? A DG 2  N2 ? ? ? 1_555 B DC  11 O2 ? ? A DG 2  B DC  23 1_555 ? ? ? ? ? ? WATSON-CRICK ?     ? ? 
hydrog6  hydrog ? ? A DG 2  O6 ? ? ? 1_555 B DC  11 N4 ? ? A DG 2  B DC  23 1_555 ? ? ? ? ? ? WATSON-CRICK ?     ? ? 
hydrog7  hydrog ? ? A DC 3  N3 ? ? ? 1_555 B DG  10 N1 ? ? A DC 3  B DG  22 1_555 ? ? ? ? ? ? WATSON-CRICK ?     ? ? 
hydrog8  hydrog ? ? A DC 3  N4 ? ? ? 1_555 B DG  10 O6 ? ? A DC 3  B DG  22 1_555 ? ? ? ? ? ? WATSON-CRICK ?     ? ? 
hydrog9  hydrog ? ? A DC 3  O2 ? ? ? 1_555 B DG  10 N2 ? ? A DC 3  B DG  22 1_555 ? ? ? ? ? ? WATSON-CRICK ?     ? ? 
hydrog10 hydrog ? ? A DG 4  N1 ? ? ? 1_555 B DC  9  N3 ? ? A DG 4  B DC  21 1_555 ? ? ? ? ? ? WATSON-CRICK ?     ? ? 
hydrog11 hydrog ? ? A DG 4  N2 ? ? ? 1_555 B DC  9  O2 ? ? A DG 4  B DC  21 1_555 ? ? ? ? ? ? WATSON-CRICK ?     ? ? 
hydrog12 hydrog ? ? A DG 4  O6 ? ? ? 1_555 B DC  9  N4 ? ? A DG 4  B DC  21 1_555 ? ? ? ? ? ? WATSON-CRICK ?     ? ? 
hydrog13 hydrog ? ? A DA 5  N1 ? ? ? 1_555 B DT  8  N3 ? ? A DA 5  B DT  20 1_555 ? ? ? ? ? ? WATSON-CRICK ?     ? ? 
hydrog14 hydrog ? ? A DA 5  N6 ? ? ? 1_555 B DT  8  O4 ? ? A DA 5  B DT  20 1_555 ? ? ? ? ? ? WATSON-CRICK ?     ? ? 
hydrog15 hydrog ? ? A DA 6  N1 ? ? ? 1_555 B DT  7  N3 ? ? A DA 6  B DT  19 1_555 ? ? ? ? ? ? WATSON-CRICK ?     ? ? 
hydrog16 hydrog ? ? A DA 6  N6 ? ? ? 1_555 B DT  7  O4 ? ? A DA 6  B DT  19 1_555 ? ? ? ? ? ? WATSON-CRICK ?     ? ? 
hydrog17 hydrog ? ? A DT 7  N3 ? ? ? 1_555 B DA  6  N1 ? ? A DT 7  B DA  18 1_555 ? ? ? ? ? ? WATSON-CRICK ?     ? ? 
hydrog18 hydrog ? ? A DT 7  O4 ? ? ? 1_555 B DA  6  N6 ? ? A DT 7  B DA  18 1_555 ? ? ? ? ? ? WATSON-CRICK ?     ? ? 
hydrog19 hydrog ? ? A DT 8  N3 ? ? ? 1_555 B DA  5  N1 ? ? A DT 8  B DA  17 1_555 ? ? ? ? ? ? WATSON-CRICK ?     ? ? 
hydrog20 hydrog ? ? A DT 8  O4 ? ? ? 1_555 B DA  5  N6 ? ? A DT 8  B DA  17 1_555 ? ? ? ? ? ? WATSON-CRICK ?     ? ? 
hydrog21 hydrog ? ? A DC 9  N3 ? ? ? 1_555 B DG  4  N1 ? ? A DC 9  B DG  16 1_555 ? ? ? ? ? ? WATSON-CRICK ?     ? ? 
hydrog22 hydrog ? ? A DC 9  N4 ? ? ? 1_555 B DG  4  O6 ? ? A DC 9  B DG  16 1_555 ? ? ? ? ? ? WATSON-CRICK ?     ? ? 
hydrog23 hydrog ? ? A DC 9  O2 ? ? ? 1_555 B DG  4  N2 ? ? A DC 9  B DG  16 1_555 ? ? ? ? ? ? WATSON-CRICK ?     ? ? 
hydrog24 hydrog ? ? A DG 10 N1 ? ? ? 1_555 B DC  3  N3 ? ? A DG 10 B DC  15 1_555 ? ? ? ? ? ? WATSON-CRICK ?     ? ? 
hydrog25 hydrog ? ? A DG 10 N2 ? ? ? 1_555 B DC  3  O2 ? ? A DG 10 B DC  15 1_555 ? ? ? ? ? ? WATSON-CRICK ?     ? ? 
hydrog26 hydrog ? ? A DG 10 O6 ? ? ? 1_555 B DC  3  N4 ? ? A DG 10 B DC  15 1_555 ? ? ? ? ? ? WATSON-CRICK ?     ? ? 
hydrog27 hydrog ? ? A DC 11 N3 ? ? ? 1_555 B DG  2  N1 ? ? A DC 11 B DG  14 1_555 ? ? ? ? ? ? WATSON-CRICK ?     ? ? 
hydrog28 hydrog ? ? A DC 11 N4 ? ? ? 1_555 B DG  2  O6 ? ? A DC 11 B DG  14 1_555 ? ? ? ? ? ? WATSON-CRICK ?     ? ? 
hydrog29 hydrog ? ? A DC 11 O2 ? ? ? 1_555 B DG  2  N2 ? ? A DC 11 B DG  14 1_555 ? ? ? ? ? ? WATSON-CRICK ?     ? ? 
hydrog30 hydrog ? ? A DG 12 N1 ? ? ? 1_555 B DC  1  N3 ? ? A DG 12 B DC  13 1_555 ? ? ? ? ? ? WATSON-CRICK ?     ? ? 
hydrog31 hydrog ? ? A DG 12 N2 ? ? ? 1_555 B DC  1  O2 ? ? A DG 12 B DC  13 1_555 ? ? ? ? ? ? WATSON-CRICK ?     ? ? 
hydrog32 hydrog ? ? A DG 12 O6 ? ? ? 1_555 B DC  1  N4 ? ? A DG 12 B DC  13 1_555 ? ? ? ? ? ? WATSON-CRICK ?     ? ? 
# 
loop_
_struct_conn_type.id 
_struct_conn_type.criteria 
_struct_conn_type.reference 
metalc ? ? 
hydrog ? ? 
# 
loop_
_pdbx_struct_conn_angle.id 
_pdbx_struct_conn_angle.ptnr1_label_atom_id 
_pdbx_struct_conn_angle.ptnr1_label_alt_id 
_pdbx_struct_conn_angle.ptnr1_label_asym_id 
_pdbx_struct_conn_angle.ptnr1_label_comp_id 
_pdbx_struct_conn_angle.ptnr1_label_seq_id 
_pdbx_struct_conn_angle.ptnr1_auth_atom_id 
_pdbx_struct_conn_angle.ptnr1_auth_asym_id 
_pdbx_struct_conn_angle.ptnr1_auth_comp_id 
_pdbx_struct_conn_angle.ptnr1_auth_seq_id 
_pdbx_struct_conn_angle.ptnr1_PDB_ins_code 
_pdbx_struct_conn_angle.ptnr1_symmetry 
_pdbx_struct_conn_angle.ptnr2_label_atom_id 
_pdbx_struct_conn_angle.ptnr2_label_alt_id 
_pdbx_struct_conn_angle.ptnr2_label_asym_id 
_pdbx_struct_conn_angle.ptnr2_label_comp_id 
_pdbx_struct_conn_angle.ptnr2_label_seq_id 
_pdbx_struct_conn_angle.ptnr2_auth_atom_id 
_pdbx_struct_conn_angle.ptnr2_auth_asym_id 
_pdbx_struct_conn_angle.ptnr2_auth_comp_id 
_pdbx_struct_conn_angle.ptnr2_auth_seq_id 
_pdbx_struct_conn_angle.ptnr2_PDB_ins_code 
_pdbx_struct_conn_angle.ptnr2_symmetry 
_pdbx_struct_conn_angle.ptnr3_label_atom_id 
_pdbx_struct_conn_angle.ptnr3_label_alt_id 
_pdbx_struct_conn_angle.ptnr3_label_asym_id 
_pdbx_struct_conn_angle.ptnr3_label_comp_id 
_pdbx_struct_conn_angle.ptnr3_label_seq_id 
_pdbx_struct_conn_angle.ptnr3_auth_atom_id 
_pdbx_struct_conn_angle.ptnr3_auth_asym_id 
_pdbx_struct_conn_angle.ptnr3_auth_comp_id 
_pdbx_struct_conn_angle.ptnr3_auth_seq_id 
_pdbx_struct_conn_angle.ptnr3_PDB_ins_code 
_pdbx_struct_conn_angle.ptnr3_symmetry 
_pdbx_struct_conn_angle.value 
_pdbx_struct_conn_angle.value_esd 
1  O ? E HOH . ? A HOH 37 ? 1_555 MG ? D MG . ? A MG 26 ? 1_555 O ? E HOH . ? A HOH 39 ? 1_555 86.6  ? 
2  O ? E HOH . ? A HOH 37 ? 1_555 MG ? D MG . ? A MG 26 ? 1_555 O ? E HOH . ? A HOH 40 ? 1_555 93.8  ? 
3  O ? E HOH . ? A HOH 39 ? 1_555 MG ? D MG . ? A MG 26 ? 1_555 O ? E HOH . ? A HOH 40 ? 1_555 179.4 ? 
4  O ? E HOH . ? A HOH 37 ? 1_555 MG ? D MG . ? A MG 26 ? 1_555 O ? E HOH . ? A HOH 42 ? 1_555 166.4 ? 
5  O ? E HOH . ? A HOH 39 ? 1_555 MG ? D MG . ? A MG 26 ? 1_555 O ? E HOH . ? A HOH 42 ? 1_555 91.9  ? 
6  O ? E HOH . ? A HOH 40 ? 1_555 MG ? D MG . ? A MG 26 ? 1_555 O ? E HOH . ? A HOH 42 ? 1_555 87.9  ? 
7  O ? E HOH . ? A HOH 37 ? 1_555 MG ? D MG . ? A MG 26 ? 1_555 O ? E HOH . ? A HOH 43 ? 1_555 74.5  ? 
8  O ? E HOH . ? A HOH 39 ? 1_555 MG ? D MG . ? A MG 26 ? 1_555 O ? E HOH . ? A HOH 43 ? 1_555 85.7  ? 
9  O ? E HOH . ? A HOH 40 ? 1_555 MG ? D MG . ? A MG 26 ? 1_555 O ? E HOH . ? A HOH 43 ? 1_555 93.9  ? 
10 O ? E HOH . ? A HOH 42 ? 1_555 MG ? D MG . ? A MG 26 ? 1_555 O ? E HOH . ? A HOH 43 ? 1_555 118.9 ? 
11 O ? E HOH . ? A HOH 37 ? 1_555 MG ? D MG . ? A MG 26 ? 1_555 O ? E HOH . ? A HOH 98 ? 1_555 72.5  ? 
12 O ? E HOH . ? A HOH 39 ? 1_555 MG ? D MG . ? A MG 26 ? 1_555 O ? E HOH . ? A HOH 98 ? 1_555 96.8  ? 
13 O ? E HOH . ? A HOH 40 ? 1_555 MG ? D MG . ? A MG 26 ? 1_555 O ? E HOH . ? A HOH 98 ? 1_555 83.8  ? 
14 O ? E HOH . ? A HOH 42 ? 1_555 MG ? D MG . ? A MG 26 ? 1_555 O ? E HOH . ? A HOH 98 ? 1_555 94.3  ? 
15 O ? E HOH . ? A HOH 43 ? 1_555 MG ? D MG . ? A MG 26 ? 1_555 O ? E HOH . ? A HOH 98 ? 1_555 146.7 ? 
# 
loop_
_struct_site.id 
_struct_site.pdbx_evidence_code 
_struct_site.pdbx_auth_asym_id 
_struct_site.pdbx_auth_comp_id 
_struct_site.pdbx_auth_seq_id 
_struct_site.pdbx_auth_ins_code 
_struct_site.pdbx_num_residues 
_struct_site.details 
AC1                 Software A RO2 25 ? 20 'BINDING SITE FOR RESIDUE RO2 A 25' 
AC2                 Software A MG  26 ? 6  'BINDING SITE FOR RESIDUE MG A 26'  
'DRUG BINDING SITE' ?        ? ?   ?  ? ?  ?                                   
# 
loop_
_struct_site_gen.id 
_struct_site_gen.site_id 
_struct_site_gen.pdbx_num_res 
_struct_site_gen.label_comp_id 
_struct_site_gen.label_asym_id 
_struct_site_gen.label_seq_id 
_struct_site_gen.pdbx_auth_ins_code 
_struct_site_gen.auth_comp_id 
_struct_site_gen.auth_asym_id 
_struct_site_gen.auth_seq_id 
_struct_site_gen.label_atom_id 
_struct_site_gen.label_alt_id 
_struct_site_gen.symmetry 
_struct_site_gen.details 
1  AC1 20 DA  A 5  ? DA  A 5  . ? 1_555 ? 
2  AC1 20 DA  A 6  ? DA  A 6  . ? 1_555 ? 
3  AC1 20 DT  A 7  ? DT  A 7  . ? 1_555 ? 
4  AC1 20 DT  A 8  ? DT  A 8  . ? 1_555 ? 
5  AC1 20 DC  A 9  ? DC  A 9  . ? 1_555 ? 
6  AC1 20 DG  A 10 ? DG  A 10 . ? 1_555 ? 
7  AC1 20 HOH E .  ? HOH A 57 . ? 1_555 ? 
8  AC1 20 HOH E .  ? HOH A 62 . ? 1_555 ? 
9  AC1 20 HOH E .  ? HOH A 64 . ? 1_555 ? 
10 AC1 20 HOH E .  ? HOH A 65 . ? 1_555 ? 
11 AC1 20 HOH E .  ? HOH A 66 . ? 1_555 ? 
12 AC1 20 HOH E .  ? HOH A 84 . ? 1_555 ? 
13 AC1 20 HOH E .  ? HOH A 95 . ? 1_555 ? 
14 AC1 20 DA  B 6  ? DA  B 18 . ? 1_555 ? 
15 AC1 20 DT  B 7  ? DT  B 19 . ? 1_555 ? 
16 AC1 20 DT  B 8  ? DT  B 20 . ? 1_555 ? 
17 AC1 20 DC  B 9  ? DC  B 21 . ? 1_555 ? 
18 AC1 20 HOH F .  ? HOH B 56 . ? 1_555 ? 
19 AC1 20 HOH F .  ? HOH B 78 . ? 1_555 ? 
20 AC1 20 HOH F .  ? HOH B 99 . ? 1_555 ? 
21 AC2 6  HOH E .  ? HOH A 37 . ? 1_555 ? 
22 AC2 6  HOH E .  ? HOH A 39 . ? 1_555 ? 
23 AC2 6  HOH E .  ? HOH A 40 . ? 1_555 ? 
24 AC2 6  HOH E .  ? HOH A 42 . ? 1_555 ? 
25 AC2 6  HOH E .  ? HOH A 43 . ? 1_555 ? 
26 AC2 6  HOH E .  ? HOH A 98 . ? 1_555 ? 
# 
loop_
_pdbx_validate_rmsd_bond.id 
_pdbx_validate_rmsd_bond.PDB_model_num 
_pdbx_validate_rmsd_bond.auth_atom_id_1 
_pdbx_validate_rmsd_bond.auth_asym_id_1 
_pdbx_validate_rmsd_bond.auth_comp_id_1 
_pdbx_validate_rmsd_bond.auth_seq_id_1 
_pdbx_validate_rmsd_bond.PDB_ins_code_1 
_pdbx_validate_rmsd_bond.label_alt_id_1 
_pdbx_validate_rmsd_bond.auth_atom_id_2 
_pdbx_validate_rmsd_bond.auth_asym_id_2 
_pdbx_validate_rmsd_bond.auth_comp_id_2 
_pdbx_validate_rmsd_bond.auth_seq_id_2 
_pdbx_validate_rmsd_bond.PDB_ins_code_2 
_pdbx_validate_rmsd_bond.label_alt_id_2 
_pdbx_validate_rmsd_bond.bond_value 
_pdbx_validate_rmsd_bond.bond_target_value 
_pdbx_validate_rmsd_bond.bond_deviation 
_pdbx_validate_rmsd_bond.bond_standard_deviation 
_pdbx_validate_rmsd_bond.linker_flag 
1  1 C5    A DG 2  ? ? N7    A DG 2  ? ? 1.346 1.388 -0.042 0.006 N 
2  1 N1    A DC 3  ? ? C6    A DC 3  ? ? 1.318 1.367 -0.049 0.006 N 
3  1 "O3'" A DA 5  ? ? "C3'" A DA 5  ? ? 1.354 1.419 -0.065 0.006 N 
4  1 C4    A DA 5  ? ? C5    A DA 5  ? ? 1.337 1.383 -0.046 0.007 N 
5  1 C5    A DA 5  ? ? N7    A DA 5  ? ? 1.351 1.388 -0.037 0.006 N 
6  1 "O3'" A DA 5  ? ? P     A DA 6  ? ? 1.507 1.607 -0.100 0.012 Y 
7  1 C4    A DA 6  ? ? C5    A DA 6  ? ? 1.334 1.383 -0.049 0.007 N 
8  1 N3    A DT 7  ? ? C4    A DT 7  ? ? 1.324 1.382 -0.058 0.008 N 
9  1 "O4'" A DT 8  ? ? "C4'" A DT 8  ? ? 1.376 1.446 -0.070 0.010 N 
10 1 N1    A DC 11 ? ? C6    A DC 11 ? ? 1.326 1.367 -0.041 0.006 N 
11 1 "O4'" B DG 14 ? ? "C4'" B DG 14 ? ? 1.383 1.446 -0.063 0.010 N 
12 1 "O3'" B DG 14 ? ? "C3'" B DG 14 ? ? 1.376 1.419 -0.043 0.006 N 
13 1 C5    B DG 14 ? ? N7    B DG 14 ? ? 1.333 1.388 -0.055 0.006 N 
14 1 C8    B DG 14 ? ? N9    B DG 14 ? ? 1.324 1.374 -0.050 0.007 N 
15 1 "C5'" B DA 18 ? ? "C4'" B DA 18 ? ? 1.556 1.512 0.044  0.007 N 
16 1 C4    B DA 18 ? ? C5    B DA 18 ? ? 1.336 1.383 -0.047 0.007 N 
17 1 C5    B DA 18 ? ? N7    B DA 18 ? ? 1.343 1.388 -0.045 0.006 N 
18 1 N1    B DG 24 ? ? C2    B DG 24 ? ? 1.325 1.373 -0.048 0.008 N 
19 1 C2    B DG 24 ? ? N3    B DG 24 ? ? 1.270 1.323 -0.053 0.008 N 
# 
loop_
_pdbx_validate_rmsd_angle.id 
_pdbx_validate_rmsd_angle.PDB_model_num 
_pdbx_validate_rmsd_angle.auth_atom_id_1 
_pdbx_validate_rmsd_angle.auth_asym_id_1 
_pdbx_validate_rmsd_angle.auth_comp_id_1 
_pdbx_validate_rmsd_angle.auth_seq_id_1 
_pdbx_validate_rmsd_angle.PDB_ins_code_1 
_pdbx_validate_rmsd_angle.label_alt_id_1 
_pdbx_validate_rmsd_angle.auth_atom_id_2 
_pdbx_validate_rmsd_angle.auth_asym_id_2 
_pdbx_validate_rmsd_angle.auth_comp_id_2 
_pdbx_validate_rmsd_angle.auth_seq_id_2 
_pdbx_validate_rmsd_angle.PDB_ins_code_2 
_pdbx_validate_rmsd_angle.label_alt_id_2 
_pdbx_validate_rmsd_angle.auth_atom_id_3 
_pdbx_validate_rmsd_angle.auth_asym_id_3 
_pdbx_validate_rmsd_angle.auth_comp_id_3 
_pdbx_validate_rmsd_angle.auth_seq_id_3 
_pdbx_validate_rmsd_angle.PDB_ins_code_3 
_pdbx_validate_rmsd_angle.label_alt_id_3 
_pdbx_validate_rmsd_angle.angle_value 
_pdbx_validate_rmsd_angle.angle_target_value 
_pdbx_validate_rmsd_angle.angle_deviation 
_pdbx_validate_rmsd_angle.angle_standard_deviation 
_pdbx_validate_rmsd_angle.linker_flag 
1 1 "C3'" A DG 10 ? ? "C2'" A DG 10 ? ? "C1'" A DG 10 ? ? 96.90  102.40 -5.50 0.80 N 
2 1 "C4'" B DC 15 ? ? "C3'" B DC 15 ? ? "C2'" B DC 15 ? ? 108.87 103.10 5.77  0.90 N 
# 
loop_
_pdbx_validate_planes.id 
_pdbx_validate_planes.PDB_model_num 
_pdbx_validate_planes.auth_comp_id 
_pdbx_validate_planes.auth_asym_id 
_pdbx_validate_planes.auth_seq_id 
_pdbx_validate_planes.PDB_ins_code 
_pdbx_validate_planes.label_alt_id 
_pdbx_validate_planes.rmsd 
_pdbx_validate_planes.type 
1 1 DG B 14 ? ? 0.071 'SIDE CHAIN' 
2 1 DG B 22 ? ? 0.067 'SIDE CHAIN' 
# 
_struct_site_keywords.site_id   'DRUG BINDING SITE' 
_struct_site_keywords.text      'MINOR GROOVE BINDER' 
# 
loop_
_refine_B_iso.class 
_refine_B_iso.details 
_refine_B_iso.treatment 
_refine_B_iso.pdbx_refine_id 
'ALL ATOMS'  TR isotropic 'X-RAY DIFFRACTION' 
'ALL WATERS' TR isotropic 'X-RAY DIFFRACTION' 
# 
loop_
_refine_occupancy.class 
_refine_occupancy.treatment 
_refine_occupancy.pdbx_refine_id 
'ALL ATOMS'  fix 'X-RAY DIFFRACTION' 
'ALL WATERS' fix 'X-RAY DIFFRACTION' 
# 
loop_
_chem_comp_atom.comp_id 
_chem_comp_atom.atom_id 
_chem_comp_atom.type_symbol 
_chem_comp_atom.pdbx_aromatic_flag 
_chem_comp_atom.pdbx_stereo_config 
_chem_comp_atom.pdbx_ordinal 
DA  OP3    O  N N 1   
DA  P      P  N N 2   
DA  OP1    O  N N 3   
DA  OP2    O  N N 4   
DA  "O5'"  O  N N 5   
DA  "C5'"  C  N N 6   
DA  "C4'"  C  N R 7   
DA  "O4'"  O  N N 8   
DA  "C3'"  C  N S 9   
DA  "O3'"  O  N N 10  
DA  "C2'"  C  N N 11  
DA  "C1'"  C  N R 12  
DA  N9     N  Y N 13  
DA  C8     C  Y N 14  
DA  N7     N  Y N 15  
DA  C5     C  Y N 16  
DA  C6     C  Y N 17  
DA  N6     N  N N 18  
DA  N1     N  Y N 19  
DA  C2     C  Y N 20  
DA  N3     N  Y N 21  
DA  C4     C  Y N 22  
DA  HOP3   H  N N 23  
DA  HOP2   H  N N 24  
DA  "H5'"  H  N N 25  
DA  "H5''" H  N N 26  
DA  "H4'"  H  N N 27  
DA  "H3'"  H  N N 28  
DA  "HO3'" H  N N 29  
DA  "H2'"  H  N N 30  
DA  "H2''" H  N N 31  
DA  "H1'"  H  N N 32  
DA  H8     H  N N 33  
DA  H61    H  N N 34  
DA  H62    H  N N 35  
DA  H2     H  N N 36  
DC  OP3    O  N N 37  
DC  P      P  N N 38  
DC  OP1    O  N N 39  
DC  OP2    O  N N 40  
DC  "O5'"  O  N N 41  
DC  "C5'"  C  N N 42  
DC  "C4'"  C  N R 43  
DC  "O4'"  O  N N 44  
DC  "C3'"  C  N S 45  
DC  "O3'"  O  N N 46  
DC  "C2'"  C  N N 47  
DC  "C1'"  C  N R 48  
DC  N1     N  N N 49  
DC  C2     C  N N 50  
DC  O2     O  N N 51  
DC  N3     N  N N 52  
DC  C4     C  N N 53  
DC  N4     N  N N 54  
DC  C5     C  N N 55  
DC  C6     C  N N 56  
DC  HOP3   H  N N 57  
DC  HOP2   H  N N 58  
DC  "H5'"  H  N N 59  
DC  "H5''" H  N N 60  
DC  "H4'"  H  N N 61  
DC  "H3'"  H  N N 62  
DC  "HO3'" H  N N 63  
DC  "H2'"  H  N N 64  
DC  "H2''" H  N N 65  
DC  "H1'"  H  N N 66  
DC  H41    H  N N 67  
DC  H42    H  N N 68  
DC  H5     H  N N 69  
DC  H6     H  N N 70  
DG  OP3    O  N N 71  
DG  P      P  N N 72  
DG  OP1    O  N N 73  
DG  OP2    O  N N 74  
DG  "O5'"  O  N N 75  
DG  "C5'"  C  N N 76  
DG  "C4'"  C  N R 77  
DG  "O4'"  O  N N 78  
DG  "C3'"  C  N S 79  
DG  "O3'"  O  N N 80  
DG  "C2'"  C  N N 81  
DG  "C1'"  C  N R 82  
DG  N9     N  Y N 83  
DG  C8     C  Y N 84  
DG  N7     N  Y N 85  
DG  C5     C  Y N 86  
DG  C6     C  N N 87  
DG  O6     O  N N 88  
DG  N1     N  N N 89  
DG  C2     C  N N 90  
DG  N2     N  N N 91  
DG  N3     N  N N 92  
DG  C4     C  Y N 93  
DG  HOP3   H  N N 94  
DG  HOP2   H  N N 95  
DG  "H5'"  H  N N 96  
DG  "H5''" H  N N 97  
DG  "H4'"  H  N N 98  
DG  "H3'"  H  N N 99  
DG  "HO3'" H  N N 100 
DG  "H2'"  H  N N 101 
DG  "H2''" H  N N 102 
DG  "H1'"  H  N N 103 
DG  H8     H  N N 104 
DG  H1     H  N N 105 
DG  H21    H  N N 106 
DG  H22    H  N N 107 
DT  OP3    O  N N 108 
DT  P      P  N N 109 
DT  OP1    O  N N 110 
DT  OP2    O  N N 111 
DT  "O5'"  O  N N 112 
DT  "C5'"  C  N N 113 
DT  "C4'"  C  N R 114 
DT  "O4'"  O  N N 115 
DT  "C3'"  C  N S 116 
DT  "O3'"  O  N N 117 
DT  "C2'"  C  N N 118 
DT  "C1'"  C  N R 119 
DT  N1     N  N N 120 
DT  C2     C  N N 121 
DT  O2     O  N N 122 
DT  N3     N  N N 123 
DT  C4     C  N N 124 
DT  O4     O  N N 125 
DT  C5     C  N N 126 
DT  C7     C  N N 127 
DT  C6     C  N N 128 
DT  HOP3   H  N N 129 
DT  HOP2   H  N N 130 
DT  "H5'"  H  N N 131 
DT  "H5''" H  N N 132 
DT  "H4'"  H  N N 133 
DT  "H3'"  H  N N 134 
DT  "HO3'" H  N N 135 
DT  "H2'"  H  N N 136 
DT  "H2''" H  N N 137 
DT  "H1'"  H  N N 138 
DT  H3     H  N N 139 
DT  H71    H  N N 140 
DT  H72    H  N N 141 
DT  H73    H  N N 142 
DT  H6     H  N N 143 
HOH O      O  N N 144 
HOH H1     H  N N 145 
HOH H2     H  N N 146 
MG  MG     MG N N 147 
RO2 C1     C  Y N 148 
RO2 C3     C  Y N 149 
RO2 O3     O  N N 150 
RO2 C4     C  Y N 151 
RO2 C2     C  Y N 152 
RO2 C6     C  Y N 153 
RO2 C5     C  Y N 154 
RO2 C7     C  Y N 155 
RO2 N1     N  Y N 156 
RO2 C8     C  Y N 157 
RO2 C9     C  Y N 158 
RO2 N2     N  Y N 159 
RO2 C10    C  Y N 160 
RO2 C11    C  Y N 161 
RO2 C12    C  Y N 162 
RO2 C13    C  Y N 163 
RO2 C14    C  Y N 164 
RO2 N3     N  Y N 165 
RO2 C15    C  Y N 166 
RO2 C16    C  Y N 167 
RO2 N4     N  Y N 168 
RO2 C17    C  Y N 169 
RO2 C18    C  Y N 170 
RO2 C19    C  Y N 171 
RO2 N7     N  Y N 172 
RO2 N5     N  N N 173 
RO2 C21    C  N N 174 
RO2 C22    C  N N 175 
RO2 N6     N  N N 176 
RO2 C23    C  N N 177 
RO2 C24    C  N N 178 
RO2 C25    C  N N 179 
RO2 H1     H  N N 180 
RO2 HO3    H  N N 181 
RO2 H4     H  N N 182 
RO2 H6     H  N N 183 
RO2 H5     H  N N 184 
RO2 HN1    H  N N 185 
RO2 H10    H  N N 186 
RO2 H11    H  N N 187 
RO2 H13    H  N N 188 
RO2 HN4    H  N N 189 
RO2 H17    H  N N 190 
RO2 H18    H  N N 191 
RO2 H211   H  N N 192 
RO2 H212   H  N N 193 
RO2 H221   H  N N 194 
RO2 H222   H  N N 195 
RO2 H231   H  N N 196 
RO2 H232   H  N N 197 
RO2 H241   H  N N 198 
RO2 H242   H  N N 199 
RO2 H253   H  N N 200 
RO2 H252   H  N N 201 
RO2 H251   H  N N 202 
# 
loop_
_chem_comp_bond.comp_id 
_chem_comp_bond.atom_id_1 
_chem_comp_bond.atom_id_2 
_chem_comp_bond.value_order 
_chem_comp_bond.pdbx_aromatic_flag 
_chem_comp_bond.pdbx_stereo_config 
_chem_comp_bond.pdbx_ordinal 
DA  OP3   P      sing N N 1   
DA  OP3   HOP3   sing N N 2   
DA  P     OP1    doub N N 3   
DA  P     OP2    sing N N 4   
DA  P     "O5'"  sing N N 5   
DA  OP2   HOP2   sing N N 6   
DA  "O5'" "C5'"  sing N N 7   
DA  "C5'" "C4'"  sing N N 8   
DA  "C5'" "H5'"  sing N N 9   
DA  "C5'" "H5''" sing N N 10  
DA  "C4'" "O4'"  sing N N 11  
DA  "C4'" "C3'"  sing N N 12  
DA  "C4'" "H4'"  sing N N 13  
DA  "O4'" "C1'"  sing N N 14  
DA  "C3'" "O3'"  sing N N 15  
DA  "C3'" "C2'"  sing N N 16  
DA  "C3'" "H3'"  sing N N 17  
DA  "O3'" "HO3'" sing N N 18  
DA  "C2'" "C1'"  sing N N 19  
DA  "C2'" "H2'"  sing N N 20  
DA  "C2'" "H2''" sing N N 21  
DA  "C1'" N9     sing N N 22  
DA  "C1'" "H1'"  sing N N 23  
DA  N9    C8     sing Y N 24  
DA  N9    C4     sing Y N 25  
DA  C8    N7     doub Y N 26  
DA  C8    H8     sing N N 27  
DA  N7    C5     sing Y N 28  
DA  C5    C6     sing Y N 29  
DA  C5    C4     doub Y N 30  
DA  C6    N6     sing N N 31  
DA  C6    N1     doub Y N 32  
DA  N6    H61    sing N N 33  
DA  N6    H62    sing N N 34  
DA  N1    C2     sing Y N 35  
DA  C2    N3     doub Y N 36  
DA  C2    H2     sing N N 37  
DA  N3    C4     sing Y N 38  
DC  OP3   P      sing N N 39  
DC  OP3   HOP3   sing N N 40  
DC  P     OP1    doub N N 41  
DC  P     OP2    sing N N 42  
DC  P     "O5'"  sing N N 43  
DC  OP2   HOP2   sing N N 44  
DC  "O5'" "C5'"  sing N N 45  
DC  "C5'" "C4'"  sing N N 46  
DC  "C5'" "H5'"  sing N N 47  
DC  "C5'" "H5''" sing N N 48  
DC  "C4'" "O4'"  sing N N 49  
DC  "C4'" "C3'"  sing N N 50  
DC  "C4'" "H4'"  sing N N 51  
DC  "O4'" "C1'"  sing N N 52  
DC  "C3'" "O3'"  sing N N 53  
DC  "C3'" "C2'"  sing N N 54  
DC  "C3'" "H3'"  sing N N 55  
DC  "O3'" "HO3'" sing N N 56  
DC  "C2'" "C1'"  sing N N 57  
DC  "C2'" "H2'"  sing N N 58  
DC  "C2'" "H2''" sing N N 59  
DC  "C1'" N1     sing N N 60  
DC  "C1'" "H1'"  sing N N 61  
DC  N1    C2     sing N N 62  
DC  N1    C6     sing N N 63  
DC  C2    O2     doub N N 64  
DC  C2    N3     sing N N 65  
DC  N3    C4     doub N N 66  
DC  C4    N4     sing N N 67  
DC  C4    C5     sing N N 68  
DC  N4    H41    sing N N 69  
DC  N4    H42    sing N N 70  
DC  C5    C6     doub N N 71  
DC  C5    H5     sing N N 72  
DC  C6    H6     sing N N 73  
DG  OP3   P      sing N N 74  
DG  OP3   HOP3   sing N N 75  
DG  P     OP1    doub N N 76  
DG  P     OP2    sing N N 77  
DG  P     "O5'"  sing N N 78  
DG  OP2   HOP2   sing N N 79  
DG  "O5'" "C5'"  sing N N 80  
DG  "C5'" "C4'"  sing N N 81  
DG  "C5'" "H5'"  sing N N 82  
DG  "C5'" "H5''" sing N N 83  
DG  "C4'" "O4'"  sing N N 84  
DG  "C4'" "C3'"  sing N N 85  
DG  "C4'" "H4'"  sing N N 86  
DG  "O4'" "C1'"  sing N N 87  
DG  "C3'" "O3'"  sing N N 88  
DG  "C3'" "C2'"  sing N N 89  
DG  "C3'" "H3'"  sing N N 90  
DG  "O3'" "HO3'" sing N N 91  
DG  "C2'" "C1'"  sing N N 92  
DG  "C2'" "H2'"  sing N N 93  
DG  "C2'" "H2''" sing N N 94  
DG  "C1'" N9     sing N N 95  
DG  "C1'" "H1'"  sing N N 96  
DG  N9    C8     sing Y N 97  
DG  N9    C4     sing Y N 98  
DG  C8    N7     doub Y N 99  
DG  C8    H8     sing N N 100 
DG  N7    C5     sing Y N 101 
DG  C5    C6     sing N N 102 
DG  C5    C4     doub Y N 103 
DG  C6    O6     doub N N 104 
DG  C6    N1     sing N N 105 
DG  N1    C2     sing N N 106 
DG  N1    H1     sing N N 107 
DG  C2    N2     sing N N 108 
DG  C2    N3     doub N N 109 
DG  N2    H21    sing N N 110 
DG  N2    H22    sing N N 111 
DG  N3    C4     sing N N 112 
DT  OP3   P      sing N N 113 
DT  OP3   HOP3   sing N N 114 
DT  P     OP1    doub N N 115 
DT  P     OP2    sing N N 116 
DT  P     "O5'"  sing N N 117 
DT  OP2   HOP2   sing N N 118 
DT  "O5'" "C5'"  sing N N 119 
DT  "C5'" "C4'"  sing N N 120 
DT  "C5'" "H5'"  sing N N 121 
DT  "C5'" "H5''" sing N N 122 
DT  "C4'" "O4'"  sing N N 123 
DT  "C4'" "C3'"  sing N N 124 
DT  "C4'" "H4'"  sing N N 125 
DT  "O4'" "C1'"  sing N N 126 
DT  "C3'" "O3'"  sing N N 127 
DT  "C3'" "C2'"  sing N N 128 
DT  "C3'" "H3'"  sing N N 129 
DT  "O3'" "HO3'" sing N N 130 
DT  "C2'" "C1'"  sing N N 131 
DT  "C2'" "H2'"  sing N N 132 
DT  "C2'" "H2''" sing N N 133 
DT  "C1'" N1     sing N N 134 
DT  "C1'" "H1'"  sing N N 135 
DT  N1    C2     sing N N 136 
DT  N1    C6     sing N N 137 
DT  C2    O2     doub N N 138 
DT  C2    N3     sing N N 139 
DT  N3    C4     sing N N 140 
DT  N3    H3     sing N N 141 
DT  C4    O4     doub N N 142 
DT  C4    C5     sing N N 143 
DT  C5    C7     sing N N 144 
DT  C5    C6     doub N N 145 
DT  C7    H71    sing N N 146 
DT  C7    H72    sing N N 147 
DT  C7    H73    sing N N 148 
DT  C6    H6     sing N N 149 
HOH O     H1     sing N N 150 
HOH O     H2     sing N N 151 
RO2 C1    C3     doub Y N 152 
RO2 C1    C5     sing Y N 153 
RO2 C1    H1     sing N N 154 
RO2 C3    O3     sing N N 155 
RO2 C3    C4     sing Y N 156 
RO2 O3    HO3    sing N N 157 
RO2 C4    C2     doub Y N 158 
RO2 C4    H4     sing N N 159 
RO2 C2    C6     sing Y N 160 
RO2 C2    C7     sing Y N 161 
RO2 C6    C5     doub Y N 162 
RO2 C6    H6     sing N N 163 
RO2 C5    H5     sing N N 164 
RO2 C7    N1     sing Y N 165 
RO2 C7    N2     doub Y N 166 
RO2 N1    C8     sing Y N 167 
RO2 N1    HN1    sing N N 168 
RO2 C8    C9     doub Y N 169 
RO2 C8    C13    sing Y N 170 
RO2 C9    N2     sing Y N 171 
RO2 C9    C10    sing Y N 172 
RO2 C10   C11    doub Y N 173 
RO2 C10   H10    sing N N 174 
RO2 C11   C12    sing Y N 175 
RO2 C11   H11    sing N N 176 
RO2 C12   C13    doub Y N 177 
RO2 C12   C14    sing Y N 178 
RO2 C13   H13    sing N N 179 
RO2 C14   N3     doub Y N 180 
RO2 C14   N4     sing Y N 181 
RO2 N3    C15    sing Y N 182 
RO2 C15   C16    sing Y N 183 
RO2 C15   N7     doub Y N 184 
RO2 C16   N4     sing Y N 185 
RO2 C16   C17    doub Y N 186 
RO2 N4    HN4    sing N N 187 
RO2 C17   C18    sing Y N 188 
RO2 C17   H17    sing N N 189 
RO2 C18   C19    doub Y N 190 
RO2 C18   H18    sing N N 191 
RO2 C19   N7     sing Y N 192 
RO2 C19   N5     sing N N 193 
RO2 N5    C21    sing N N 194 
RO2 N5    C24    sing N N 195 
RO2 C21   C22    sing N N 196 
RO2 C21   H211   sing N N 197 
RO2 C21   H212   sing N N 198 
RO2 C22   N6     sing N N 199 
RO2 C22   H221   sing N N 200 
RO2 C22   H222   sing N N 201 
RO2 N6    C23    sing N N 202 
RO2 N6    C25    sing N N 203 
RO2 C23   C24    sing N N 204 
RO2 C23   H231   sing N N 205 
RO2 C23   H232   sing N N 206 
RO2 C24   H241   sing N N 207 
RO2 C24   H242   sing N N 208 
RO2 C25   H253   sing N N 209 
RO2 C25   H252   sing N N 210 
RO2 C25   H251   sing N N 211 
# 
_ndb_struct_conf_na.entry_id   303D 
_ndb_struct_conf_na.feature    'b-form double helix' 
# 
loop_
_ndb_struct_na_base_pair.model_number 
_ndb_struct_na_base_pair.i_label_asym_id 
_ndb_struct_na_base_pair.i_label_comp_id 
_ndb_struct_na_base_pair.i_label_seq_id 
_ndb_struct_na_base_pair.i_symmetry 
_ndb_struct_na_base_pair.j_label_asym_id 
_ndb_struct_na_base_pair.j_label_comp_id 
_ndb_struct_na_base_pair.j_label_seq_id 
_ndb_struct_na_base_pair.j_symmetry 
_ndb_struct_na_base_pair.shear 
_ndb_struct_na_base_pair.stretch 
_ndb_struct_na_base_pair.stagger 
_ndb_struct_na_base_pair.buckle 
_ndb_struct_na_base_pair.propeller 
_ndb_struct_na_base_pair.opening 
_ndb_struct_na_base_pair.pair_number 
_ndb_struct_na_base_pair.pair_name 
_ndb_struct_na_base_pair.i_auth_asym_id 
_ndb_struct_na_base_pair.i_auth_seq_id 
_ndb_struct_na_base_pair.i_PDB_ins_code 
_ndb_struct_na_base_pair.j_auth_asym_id 
_ndb_struct_na_base_pair.j_auth_seq_id 
_ndb_struct_na_base_pair.j_PDB_ins_code 
_ndb_struct_na_base_pair.hbond_type_28 
_ndb_struct_na_base_pair.hbond_type_12 
1 A DC 1  1_555 B DG 12 1_555 0.670  -0.376 0.014  6.414   -8.945  -2.293  1  A_DC1:DG24_B  A 1  ? B 24 ? 19 1 
1 A DG 2  1_555 B DC 11 1_555 -0.223 -0.294 0.266  3.888   -17.915 -7.087  2  A_DG2:DC23_B  A 2  ? B 23 ? 19 1 
1 A DC 3  1_555 B DG 10 1_555 -0.135 -0.361 0.209  -4.687  -10.413 -5.282  3  A_DC3:DG22_B  A 3  ? B 22 ? 19 1 
1 A DG 4  1_555 B DC 9  1_555 -0.647 -0.043 -0.220 6.466   -13.178 0.902   4  A_DG4:DC21_B  A 4  ? B 21 ? 19 1 
1 A DA 5  1_555 B DT 8  1_555 -0.225 0.107  -0.155 3.968   -21.133 -1.432  5  A_DA5:DT20_B  A 5  ? B 20 ? 20 1 
1 A DA 6  1_555 B DT 7  1_555 0.099  0.168  -0.027 2.224   -19.732 4.727   6  A_DA6:DT19_B  A 6  ? B 19 ? 20 1 
1 A DT 7  1_555 B DA 6  1_555 -0.234 -0.246 -0.173 3.830   -19.012 0.908   7  A_DT7:DA18_B  A 7  ? B 18 ? 20 1 
1 A DT 8  1_555 B DA 5  1_555 -0.089 -0.431 0.011  -4.658  -21.836 0.557   8  A_DT8:DA17_B  A 8  ? B 17 ? 20 1 
1 A DC 9  1_555 B DG 4  1_555 0.077  -0.334 0.147  -13.964 -9.633  -1.648  9  A_DC9:DG16_B  A 9  ? B 16 ? 19 1 
1 A DG 10 1_555 B DC 3  1_555 -0.335 -0.351 0.111  1.531   1.259   -6.493  10 A_DG10:DC15_B A 10 ? B 15 ? 19 1 
1 A DC 11 1_555 B DG 2  1_555 -0.153 -0.192 0.218  2.804   -27.350 -12.748 11 A_DC11:DG14_B A 11 ? B 14 ? 19 1 
1 A DG 12 1_555 B DC 1  1_555 0.023  -0.390 -0.339 -0.102  10.979  -6.993  12 A_DG12:DC13_B A 12 ? B 13 ? 19 1 
# 
loop_
_ndb_struct_na_base_pair_step.model_number 
_ndb_struct_na_base_pair_step.i_label_asym_id_1 
_ndb_struct_na_base_pair_step.i_label_comp_id_1 
_ndb_struct_na_base_pair_step.i_label_seq_id_1 
_ndb_struct_na_base_pair_step.i_symmetry_1 
_ndb_struct_na_base_pair_step.j_label_asym_id_1 
_ndb_struct_na_base_pair_step.j_label_comp_id_1 
_ndb_struct_na_base_pair_step.j_label_seq_id_1 
_ndb_struct_na_base_pair_step.j_symmetry_1 
_ndb_struct_na_base_pair_step.i_label_asym_id_2 
_ndb_struct_na_base_pair_step.i_label_comp_id_2 
_ndb_struct_na_base_pair_step.i_label_seq_id_2 
_ndb_struct_na_base_pair_step.i_symmetry_2 
_ndb_struct_na_base_pair_step.j_label_asym_id_2 
_ndb_struct_na_base_pair_step.j_label_comp_id_2 
_ndb_struct_na_base_pair_step.j_label_seq_id_2 
_ndb_struct_na_base_pair_step.j_symmetry_2 
_ndb_struct_na_base_pair_step.shift 
_ndb_struct_na_base_pair_step.slide 
_ndb_struct_na_base_pair_step.rise 
_ndb_struct_na_base_pair_step.tilt 
_ndb_struct_na_base_pair_step.roll 
_ndb_struct_na_base_pair_step.twist 
_ndb_struct_na_base_pair_step.x_displacement 
_ndb_struct_na_base_pair_step.y_displacement 
_ndb_struct_na_base_pair_step.helical_rise 
_ndb_struct_na_base_pair_step.inclination 
_ndb_struct_na_base_pair_step.tip 
_ndb_struct_na_base_pair_step.helical_twist 
_ndb_struct_na_base_pair_step.step_number 
_ndb_struct_na_base_pair_step.step_name 
_ndb_struct_na_base_pair_step.i_auth_asym_id_1 
_ndb_struct_na_base_pair_step.i_auth_seq_id_1 
_ndb_struct_na_base_pair_step.i_PDB_ins_code_1 
_ndb_struct_na_base_pair_step.j_auth_asym_id_1 
_ndb_struct_na_base_pair_step.j_auth_seq_id_1 
_ndb_struct_na_base_pair_step.j_PDB_ins_code_1 
_ndb_struct_na_base_pair_step.i_auth_asym_id_2 
_ndb_struct_na_base_pair_step.i_auth_seq_id_2 
_ndb_struct_na_base_pair_step.i_PDB_ins_code_2 
_ndb_struct_na_base_pair_step.j_auth_asym_id_2 
_ndb_struct_na_base_pair_step.j_auth_seq_id_2 
_ndb_struct_na_base_pair_step.j_PDB_ins_code_2 
1 A DC 1  1_555 B DG 12 1_555 A DG 2  1_555 B DC 11 1_555 -0.675 0.288  3.476 -2.898 4.283   31.340 -0.321 0.661  3.530 7.861   
5.320  31.753 1  AA_DC1DG2:DC23DG24_BB   A 1  ? B 24 ? A 2  ? B 23 ? 
1 A DG 2  1_555 B DC 11 1_555 A DC 3  1_555 B DG 10 1_555 0.378  0.288  3.606 0.379  -3.539  39.687 0.872  -0.506 3.571 -5.200  
-0.557 39.840 2  AA_DG2DC3:DG22DC23_BB   A 2  ? B 23 ? A 3  ? B 22 ? 
1 A DC 3  1_555 B DG 10 1_555 A DG 4  1_555 B DC 9  1_555 -0.018 0.768  3.275 4.269  6.038   27.120 0.123  1.068  3.323 12.582  
-8.896 28.092 3  AA_DC3DG4:DC21DG22_BB   A 3  ? B 22 ? A 4  ? B 21 ? 
1 A DG 4  1_555 B DC 9  1_555 A DA 5  1_555 B DT 8  1_555 -0.215 0.100  3.299 -1.544 5.970   38.985 -0.565 0.135  3.284 8.877   
2.296  39.451 4  AA_DG4DA5:DT20DC21_BB   A 4  ? B 21 ? A 5  ? B 20 ? 
1 A DA 5  1_555 B DT 8  1_555 A DA 6  1_555 B DT 7  1_555 0.124  -0.219 3.312 -1.489 3.332   36.345 -0.814 -0.405 3.272 5.326   
2.380  36.522 5  AA_DA5DA6:DT19DT20_BB   A 5  ? B 20 ? A 6  ? B 19 ? 
1 A DA 6  1_555 B DT 7  1_555 A DT 7  1_555 B DA 6  1_555 0.074  -0.506 3.200 0.596  -0.130  32.858 -0.872 -0.032 3.203 -0.229  
-1.054 32.863 6  AA_DA6DT7:DA18DT19_BB   A 6  ? B 19 ? A 7  ? B 18 ? 
1 A DT 7  1_555 B DA 6  1_555 A DT 8  1_555 B DA 5  1_555 -0.058 -0.047 3.449 0.783  5.279   35.124 -0.890 0.216  3.404 8.685   
-1.289 35.514 7  AA_DT7DT8:DA17DA18_BB   A 7  ? B 18 ? A 8  ? B 17 ? 
1 A DT 8  1_555 B DA 5  1_555 A DC 9  1_555 B DG 4  1_555 -0.254 0.336  3.605 -1.750 -2.678  40.224 0.820  0.152  3.583 -3.886  
2.540  40.345 8  AA_DT8DC9:DG16DA17_BB   A 8  ? B 17 ? A 9  ? B 16 ? 
1 A DC 9  1_555 B DG 4  1_555 A DG 10 1_555 B DC 3  1_555 -0.015 0.970  3.123 -2.939 2.797   27.267 1.373  -0.666 3.188 5.892   
6.190  27.561 9  AA_DC9DG10:DC15DG16_BB  A 9  ? B 16 ? A 10 ? B 15 ? 
1 A DG 10 1_555 B DC 3  1_555 A DC 11 1_555 B DG 2  1_555 -1.049 0.696  3.507 -1.156 -12.594 43.097 2.115  1.265  3.217 -16.719 
1.534  44.830 10 AA_DG10DC11:DG14DC15_BB A 10 ? B 15 ? A 11 ? B 14 ? 
1 A DC 11 1_555 B DG 2  1_555 A DG 12 1_555 B DC 1  1_555 1.080  0.477  3.729 5.760  -2.640  36.604 1.158  -0.803 3.807 -4.165  
-9.088 37.130 11 AA_DC11DG12:DC13DG14_BB A 11 ? B 14 ? A 12 ? B 13 ? 
# 
_pdbx_initial_refinement_model.accession_code   9BNA 
_pdbx_initial_refinement_model.id               1 
_pdbx_initial_refinement_model.entity_id_list   ? 
_pdbx_initial_refinement_model.type             'experimental model' 
_pdbx_initial_refinement_model.source_name      PDB 
_pdbx_initial_refinement_model.details          BDL020 
# 
_atom_sites.entry_id                    303D 
_atom_sites.fract_transf_matrix[1][1]   -0.03946171 
_atom_sites.fract_transf_matrix[1][2]   -0.00939444 
_atom_sites.fract_transf_matrix[1][3]   0.00206356 
_atom_sites.fract_transf_matrix[2][1]   -0.00561032 
_atom_sites.fract_transf_matrix[2][2]   0.02092105 
_atom_sites.fract_transf_matrix[2][3]   -0.01204289 
_atom_sites.fract_transf_matrix[3][1]   0.00104946 
_atom_sites.fract_transf_matrix[3][2]   -0.00730208 
_atom_sites.fract_transf_matrix[3][3]   -0.01317415 
_atom_sites.fract_transf_vector[1]      0.564530 
_atom_sites.fract_transf_vector[2]      0.512709 
_atom_sites.fract_transf_vector[3]      0.135656 
# 
loop_
_atom_type.symbol 
C  
MG 
N  
O  
P  
# 
loop_
_atom_site.group_PDB 
_atom_site.id 
_atom_site.type_symbol 
_atom_site.label_atom_id 
_atom_site.label_alt_id 
_atom_site.label_comp_id 
_atom_site.label_asym_id 
_atom_site.label_entity_id 
_atom_site.label_seq_id 
_atom_site.pdbx_PDB_ins_code 
_atom_site.Cartn_x 
_atom_site.Cartn_y 
_atom_site.Cartn_z 
_atom_site.occupancy 
_atom_site.B_iso_or_equiv 
_atom_site.pdbx_formal_charge 
_atom_site.auth_seq_id 
_atom_site.auth_comp_id 
_atom_site.auth_asym_id 
_atom_site.auth_atom_id 
_atom_site.pdbx_PDB_model_num 
ATOM   1   O  "O5'" . DC  A 1 1  ? -6.267  1.917   -20.352 1.00 28.01 ? 1   DC  A "O5'" 1 
ATOM   2   C  "C5'" . DC  A 1 1  ? -7.152  2.138   -19.194 1.00 24.33 ? 1   DC  A "C5'" 1 
ATOM   3   C  "C4'" . DC  A 1 1  ? -7.391  0.838   -18.473 1.00 23.94 ? 1   DC  A "C4'" 1 
ATOM   4   O  "O4'" . DC  A 1 1  ? -6.315  -0.060  -18.689 1.00 22.92 ? 1   DC  A "O4'" 1 
ATOM   5   C  "C3'" . DC  A 1 1  ? -7.461  1.040   -16.983 1.00 24.15 ? 1   DC  A "C3'" 1 
ATOM   6   O  "O3'" . DC  A 1 1  ? -8.570  0.333   -16.502 1.00 26.90 ? 1   DC  A "O3'" 1 
ATOM   7   C  "C2'" . DC  A 1 1  ? -6.223  0.441   -16.395 1.00 23.01 ? 1   DC  A "C2'" 1 
ATOM   8   C  "C1'" . DC  A 1 1  ? -5.952  -0.617  -17.438 1.00 21.01 ? 1   DC  A "C1'" 1 
ATOM   9   N  N1    . DC  A 1 1  ? -4.560  -1.024  -17.537 1.00 18.32 ? 1   DC  A N1    1 
ATOM   10  C  C2    . DC  A 1 1  ? -4.299  -2.349  -17.517 1.00 17.28 ? 1   DC  A C2    1 
ATOM   11  O  O2    . DC  A 1 1  ? -5.179  -3.134  -17.295 1.00 15.79 ? 1   DC  A O2    1 
ATOM   12  N  N3    . DC  A 1 1  ? -3.035  -2.755  -17.691 1.00 19.86 ? 1   DC  A N3    1 
ATOM   13  C  C4    . DC  A 1 1  ? -2.062  -1.888  -17.878 1.00 19.37 ? 1   DC  A C4    1 
ATOM   14  N  N4    . DC  A 1 1  ? -0.831  -2.346  -18.090 1.00 22.41 ? 1   DC  A N4    1 
ATOM   15  C  C5    . DC  A 1 1  ? -2.310  -0.499  -17.886 1.00 19.06 ? 1   DC  A C5    1 
ATOM   16  C  C6    . DC  A 1 1  ? -3.589  -0.119  -17.717 1.00 18.56 ? 1   DC  A C6    1 
ATOM   17  P  P     . DG  A 1 2  ? -9.542  1.041   -15.491 1.00 28.03 ? 2   DG  A P     1 
ATOM   18  O  OP1   . DG  A 1 2  ? -10.571 1.762   -16.245 1.00 31.67 ? 2   DG  A OP1   1 
ATOM   19  O  OP2   . DG  A 1 2  ? -8.756  1.853   -14.540 1.00 28.12 ? 2   DG  A OP2   1 
ATOM   20  O  "O5'" . DG  A 1 2  ? -10.190 -0.207  -14.733 1.00 26.94 ? 2   DG  A "O5'" 1 
ATOM   21  C  "C5'" . DG  A 1 2  ? -10.141 -1.507  -15.359 1.00 22.95 ? 2   DG  A "C5'" 1 
ATOM   22  C  "C4'" . DG  A 1 2  ? -9.688  -2.602  -14.365 1.00 21.29 ? 2   DG  A "C4'" 1 
ATOM   23  O  "O4'" . DG  A 1 2  ? -8.289  -2.872  -14.529 1.00 20.57 ? 2   DG  A "O4'" 1 
ATOM   24  C  "C3'" . DG  A 1 2  ? -9.855  -2.202  -12.917 1.00 19.41 ? 2   DG  A "C3'" 1 
ATOM   25  O  "O3'" . DG  A 1 2  ? -10.413 -3.331  -12.231 1.00 20.64 ? 2   DG  A "O3'" 1 
ATOM   26  C  "C2'" . DG  A 1 2  ? -8.460  -1.935  -12.395 1.00 17.78 ? 2   DG  A "C2'" 1 
ATOM   27  C  "C1'" . DG  A 1 2  ? -7.684  -2.867  -13.255 1.00 17.34 ? 2   DG  A "C1'" 1 
ATOM   28  N  N9    . DG  A 1 2  ? -6.313  -2.505  -13.461 1.00 17.24 ? 2   DG  A N9    1 
ATOM   29  C  C8    . DG  A 1 2  ? -5.755  -1.283  -13.572 1.00 17.16 ? 2   DG  A C8    1 
ATOM   30  N  N7    . DG  A 1 2  ? -4.485  -1.313  -13.837 1.00 16.48 ? 2   DG  A N7    1 
ATOM   31  C  C5    . DG  A 1 2  ? -4.199  -2.627  -13.892 1.00 15.26 ? 2   DG  A C5    1 
ATOM   32  C  C6    . DG  A 1 2  ? -2.973  -3.253  -13.992 1.00 14.52 ? 2   DG  A C6    1 
ATOM   33  O  O6    . DG  A 1 2  ? -1.895  -2.749  -14.203 1.00 13.08 ? 2   DG  A O6    1 
ATOM   34  N  N1    . DG  A 1 2  ? -3.088  -4.607  -13.829 1.00 14.38 ? 2   DG  A N1    1 
ATOM   35  C  C2    . DG  A 1 2  ? -4.253  -5.267  -13.595 1.00 15.65 ? 2   DG  A C2    1 
ATOM   36  N  N2    . DG  A 1 2  ? -4.174  -6.579  -13.461 1.00 18.16 ? 2   DG  A N2    1 
ATOM   37  N  N3    . DG  A 1 2  ? -5.409  -4.685  -13.510 1.00 14.70 ? 2   DG  A N3    1 
ATOM   38  C  C4    . DG  A 1 2  ? -5.320  -3.376  -13.667 1.00 15.94 ? 2   DG  A C4    1 
ATOM   39  P  P     . DC  A 1 3  ? -11.110 -3.149  -10.846 1.00 22.56 ? 3   DC  A P     1 
ATOM   40  O  OP1   . DC  A 1 3  ? -12.518 -3.539  -10.948 1.00 23.20 ? 3   DC  A OP1   1 
ATOM   41  O  OP2   . DC  A 1 3  ? -10.875 -1.796  -10.334 1.00 22.00 ? 3   DC  A OP2   1 
ATOM   42  O  "O5'" . DC  A 1 3  ? -10.300 -4.218  -9.910  1.00 21.53 ? 3   DC  A "O5'" 1 
ATOM   43  C  "C5'" . DC  A 1 3  ? -10.237 -5.598  -10.278 1.00 19.00 ? 3   DC  A "C5'" 1 
ATOM   44  C  "C4'" . DC  A 1 3  ? -8.959  -6.207  -9.766  1.00 19.21 ? 3   DC  A "C4'" 1 
ATOM   45  O  "O4'" . DC  A 1 3  ? -7.836  -5.615  -10.404 1.00 18.73 ? 3   DC  A "O4'" 1 
ATOM   46  C  "C3'" . DC  A 1 3  ? -8.764  -5.948  -8.311  1.00 20.82 ? 3   DC  A "C3'" 1 
ATOM   47  O  "O3'" . DC  A 1 3  ? -8.969  -7.156  -7.558  1.00 22.50 ? 3   DC  A "O3'" 1 
ATOM   48  C  "C2'" . DC  A 1 3  ? -7.336  -5.492  -8.103  1.00 19.78 ? 3   DC  A "C2'" 1 
ATOM   49  C  "C1'" . DC  A 1 3  ? -6.738  -5.631  -9.496  1.00 16.75 ? 3   DC  A "C1'" 1 
ATOM   50  N  N1    . DC  A 1 3  ? -5.852  -4.524  -9.821  1.00 14.90 ? 3   DC  A N1    1 
ATOM   51  C  C2    . DC  A 1 3  ? -4.518  -4.761  -10.052 1.00 14.37 ? 3   DC  A C2    1 
ATOM   52  O  O2    . DC  A 1 3  ? -4.065  -5.889  -10.031 1.00 15.30 ? 3   DC  A O2    1 
ATOM   53  N  N3    . DC  A 1 3  ? -3.724  -3.711  -10.254 1.00 12.99 ? 3   DC  A N3    1 
ATOM   54  C  C4    . DC  A 1 3  ? -4.206  -2.496  -10.231 1.00 13.75 ? 3   DC  A C4    1 
ATOM   55  N  N4    . DC  A 1 3  ? -3.411  -1.501  -10.431 1.00 17.05 ? 3   DC  A N4    1 
ATOM   56  C  C5    . DC  A 1 3  ? -5.543  -2.241  -9.994  1.00 15.69 ? 3   DC  A C5    1 
ATOM   57  C  C6    . DC  A 1 3  ? -6.329  -3.296  -9.803  1.00 14.86 ? 3   DC  A C6    1 
ATOM   58  P  P     . DG  A 1 4  ? -9.158  -7.020  -5.994  1.00 23.56 ? 4   DG  A P     1 
ATOM   59  O  OP1   . DG  A 1 4  ? -10.406 -7.688  -5.574  1.00 24.63 ? 4   DG  A OP1   1 
ATOM   60  O  OP2   . DG  A 1 4  ? -9.034  -5.598  -5.603  1.00 24.17 ? 4   DG  A OP2   1 
ATOM   61  O  "O5'" . DG  A 1 4  ? -7.885  -7.770  -5.417  1.00 22.91 ? 4   DG  A "O5'" 1 
ATOM   62  C  "C5'" . DG  A 1 4  ? -7.624  -9.132  -5.749  1.00 21.31 ? 4   DG  A "C5'" 1 
ATOM   63  C  "C4'" . DG  A 1 4  ? -6.121  -9.382  -5.584  1.00 21.15 ? 4   DG  A "C4'" 1 
ATOM   64  O  "O4'" . DG  A 1 4  ? -5.362  -8.349  -6.263  1.00 20.40 ? 4   DG  A "O4'" 1 
ATOM   65  C  "C3'" . DG  A 1 4  ? -5.697  -9.294  -4.120  1.00 21.85 ? 4   DG  A "C3'" 1 
ATOM   66  O  "O3'" . DG  A 1 4  ? -4.666  -10.241 -3.910  1.00 23.82 ? 4   DG  A "O3'" 1 
ATOM   67  C  "C2'" . DG  A 1 4  ? -5.130  -7.908  -3.929  1.00 20.14 ? 4   DG  A "C2'" 1 
ATOM   68  C  "C1'" . DG  A 1 4  ? -4.513  -7.702  -5.301  1.00 19.66 ? 4   DG  A "C1'" 1 
ATOM   69  N  N9    . DG  A 1 4  ? -4.399  -6.298  -5.678  1.00 18.93 ? 4   DG  A N9    1 
ATOM   70  C  C8    . DG  A 1 4  ? -5.298  -5.314  -5.474  1.00 17.88 ? 4   DG  A C8    1 
ATOM   71  N  N7    . DG  A 1 4  ? -4.910  -4.169  -5.917  1.00 18.20 ? 4   DG  A N7    1 
ATOM   72  C  C5    . DG  A 1 4  ? -3.682  -4.394  -6.439  1.00 16.34 ? 4   DG  A C5    1 
ATOM   73  C  C6    . DG  A 1 4  ? -2.751  -3.466  -6.928  1.00 16.33 ? 4   DG  A C6    1 
ATOM   74  O  O6    . DG  A 1 4  ? -2.902  -2.274  -7.109  1.00 16.06 ? 4   DG  A O6    1 
ATOM   75  N  N1    . DG  A 1 4  ? -1.555  -4.057  -7.213  1.00 17.05 ? 4   DG  A N1    1 
ATOM   76  C  C2    . DG  A 1 4  ? -1.285  -5.392  -7.042  1.00 18.13 ? 4   DG  A C2    1 
ATOM   77  N  N2    . DG  A 1 4  ? -0.045  -5.786  -7.332  1.00 16.63 ? 4   DG  A N2    1 
ATOM   78  N  N3    . DG  A 1 4  ? -2.169  -6.274  -6.596  1.00 15.84 ? 4   DG  A N3    1 
ATOM   79  C  C4    . DG  A 1 4  ? -3.341  -5.707  -6.314  1.00 16.03 ? 4   DG  A C4    1 
ATOM   80  P  P     . DA  A 1 5  ? -4.083  -10.492 -2.459  1.00 26.75 ? 5   DA  A P     1 
ATOM   81  O  OP1   . DA  A 1 5  ? -4.042  -11.937 -2.218  1.00 26.35 ? 5   DA  A OP1   1 
ATOM   82  O  OP2   . DA  A 1 5  ? -4.791  -9.665  -1.443  1.00 26.51 ? 5   DA  A OP2   1 
ATOM   83  O  "O5'" . DA  A 1 5  ? -2.628  -9.979  -2.609  1.00 25.07 ? 5   DA  A "O5'" 1 
ATOM   84  C  "C5'" . DA  A 1 5  ? -1.741  -10.778 -3.363  1.00 23.33 ? 5   DA  A "C5'" 1 
ATOM   85  C  "C4'" . DA  A 1 5  ? -0.455  -10.101 -3.400  1.00 22.71 ? 5   DA  A "C4'" 1 
ATOM   86  O  "O4'" . DA  A 1 5  ? -0.615  -8.756  -3.880  1.00 22.36 ? 5   DA  A "O4'" 1 
ATOM   87  C  "C3'" . DA  A 1 5  ? 0.089   -9.974  -2.026  1.00 22.05 ? 5   DA  A "C3'" 1 
ATOM   88  O  "O3'" . DA  A 1 5  ? 1.432   -10.111 -2.138  1.00 22.51 ? 5   DA  A "O3'" 1 
ATOM   89  C  "C2'" . DA  A 1 5  ? -0.221  -8.583  -1.562  1.00 21.82 ? 5   DA  A "C2'" 1 
ATOM   90  C  "C1'" . DA  A 1 5  ? -0.145  -7.866  -2.883  1.00 20.83 ? 5   DA  A "C1'" 1 
ATOM   91  N  N9    . DA  A 1 5  ? -0.960  -6.662  -2.940  1.00 19.85 ? 5   DA  A N9    1 
ATOM   92  C  C8    . DA  A 1 5  ? -2.220  -6.468  -2.511  1.00 19.41 ? 5   DA  A C8    1 
ATOM   93  N  N7    . DA  A 1 5  ? -2.644  -5.267  -2.722  1.00 19.78 ? 5   DA  A N7    1 
ATOM   94  C  C5    . DA  A 1 5  ? -1.598  -4.652  -3.317  1.00 17.69 ? 5   DA  A C5    1 
ATOM   95  C  C6    . DA  A 1 5  ? -1.411  -3.360  -3.761  1.00 17.12 ? 5   DA  A C6    1 
ATOM   96  N  N6    . DA  A 1 5  ? -2.355  -2.449  -3.698  1.00 18.67 ? 5   DA  A N6    1 
ATOM   97  N  N1    . DA  A 1 5  ? -0.245  -3.044  -4.278  1.00 16.05 ? 5   DA  A N1    1 
ATOM   98  C  C2    . DA  A 1 5  ? 0.681   -3.960  -4.349  1.00 17.55 ? 5   DA  A C2    1 
ATOM   99  N  N3    . DA  A 1 5  ? 0.631   -5.226  -3.972  1.00 18.24 ? 5   DA  A N3    1 
ATOM   100 C  C4    . DA  A 1 5  ? -0.566  -5.490  -3.459  1.00 17.66 ? 5   DA  A C4    1 
ATOM   101 P  P     . DA  A 1 6  ? 2.290   -10.159 -0.900  1.00 22.65 ? 6   DA  A P     1 
ATOM   102 O  OP1   . DA  A 1 6  ? 3.297   -11.227 -1.144  1.00 22.56 ? 6   DA  A OP1   1 
ATOM   103 O  OP2   . DA  A 1 6  ? 1.439   -10.243 0.316   1.00 21.75 ? 6   DA  A OP2   1 
ATOM   104 O  "O5'" . DA  A 1 6  ? 3.003   -8.759  -0.914  1.00 22.37 ? 6   DA  A "O5'" 1 
ATOM   105 C  "C5'" . DA  A 1 6  ? 4.132   -8.584  -1.782  1.00 19.57 ? 6   DA  A "C5'" 1 
ATOM   106 C  "C4'" . DA  A 1 6  ? 4.589   -7.162  -1.756  1.00 17.85 ? 6   DA  A "C4'" 1 
ATOM   107 O  "O4'" . DA  A 1 6  ? 3.480   -6.257  -1.875  1.00 16.90 ? 6   DA  A "O4'" 1 
ATOM   108 C  "C3'" . DA  A 1 6  ? 5.256   -6.845  -0.478  1.00 17.00 ? 6   DA  A "C3'" 1 
ATOM   109 O  "O3'" . DA  A 1 6  ? 6.425   -6.135  -0.785  1.00 16.54 ? 6   DA  A "O3'" 1 
ATOM   110 C  "C2'" . DA  A 1 6  ? 4.301   -5.960  0.296   1.00 17.42 ? 6   DA  A "C2'" 1 
ATOM   111 C  "C1'" . DA  A 1 6  ? 3.590   -5.287  -0.849  1.00 16.34 ? 6   DA  A "C1'" 1 
ATOM   112 N  N9    . DA  A 1 6  ? 2.228   -4.806  -0.541  1.00 15.23 ? 6   DA  A N9    1 
ATOM   113 C  C8    . DA  A 1 6  ? 1.198   -5.464  0.031   1.00 14.64 ? 6   DA  A C8    1 
ATOM   114 N  N7    . DA  A 1 6  ? 0.105   -4.766  0.059   1.00 15.01 ? 6   DA  A N7    1 
ATOM   115 C  C5    . DA  A 1 6  ? 0.442   -3.585  -0.516  1.00 12.97 ? 6   DA  A C5    1 
ATOM   116 C  C6    . DA  A 1 6  ? -0.276  -2.398  -0.753  1.00 14.16 ? 6   DA  A C6    1 
ATOM   117 N  N6    . DA  A 1 6  ? -1.553  -2.261  -0.466  1.00 12.25 ? 6   DA  A N6    1 
ATOM   118 N  N1    . DA  A 1 6  ? 0.369   -1.391  -1.295  1.00 11.34 ? 6   DA  A N1    1 
ATOM   119 C  C2    . DA  A 1 6  ? 1.618   -1.548  -1.590  1.00 13.72 ? 6   DA  A C2    1 
ATOM   120 N  N3    . DA  A 1 6  ? 2.399   -2.590  -1.431  1.00 15.58 ? 6   DA  A N3    1 
ATOM   121 C  C4    . DA  A 1 6  ? 1.726   -3.586  -0.881  1.00 13.99 ? 6   DA  A C4    1 
ATOM   122 P  P     . DT  A 1 7  ? 7.414   -5.763  0.355   1.00 18.55 ? 7   DT  A P     1 
ATOM   123 O  OP1   . DT  A 1 7  ? 8.774   -5.852  -0.138  1.00 18.18 ? 7   DT  A OP1   1 
ATOM   124 O  OP2   . DT  A 1 7  ? 7.108   -6.573  1.553   1.00 20.35 ? 7   DT  A OP2   1 
ATOM   125 O  "O5'" . DT  A 1 7  ? 7.051   -4.294  0.629   1.00 17.58 ? 7   DT  A "O5'" 1 
ATOM   126 C  "C5'" . DT  A 1 7  ? 7.577   -3.287  -0.210  1.00 16.84 ? 7   DT  A "C5'" 1 
ATOM   127 C  "C4'" . DT  A 1 7  ? 6.970   -1.944  0.142   1.00 17.10 ? 7   DT  A "C4'" 1 
ATOM   128 O  "O4'" . DT  A 1 7  ? 5.546   -2.025  0.243   1.00 16.41 ? 7   DT  A "O4'" 1 
ATOM   129 C  "C3'" . DT  A 1 7  ? 7.459   -1.441  1.491   1.00 17.28 ? 7   DT  A "C3'" 1 
ATOM   130 O  "O3'" . DT  A 1 7  ? 8.097   -0.196  1.250   1.00 21.37 ? 7   DT  A "O3'" 1 
ATOM   131 C  "C2'" . DT  A 1 7  ? 6.222   -1.233  2.355   1.00 15.67 ? 7   DT  A "C2'" 1 
ATOM   132 C  "C1'" . DT  A 1 7  ? 5.168   -1.126  1.279   1.00 15.43 ? 7   DT  A "C1'" 1 
ATOM   133 N  N1    . DT  A 1 7  ? 3.778   -1.449  1.707   1.00 13.51 ? 7   DT  A N1    1 
ATOM   134 C  C2    . DT  A 1 7  ? 2.837   -0.529  1.453   1.00 14.53 ? 7   DT  A C2    1 
ATOM   135 O  O2    . DT  A 1 7  ? 3.094   0.532   0.948   1.00 18.28 ? 7   DT  A O2    1 
ATOM   136 N  N3    . DT  A 1 7  ? 1.586   -0.830  1.840   1.00 14.06 ? 7   DT  A N3    1 
ATOM   137 C  C4    . DT  A 1 7  ? 1.192   -1.934  2.456   1.00 13.50 ? 7   DT  A C4    1 
ATOM   138 O  O4    . DT  A 1 7  ? 0.041   -2.083  2.757   1.00 16.42 ? 7   DT  A O4    1 
ATOM   139 C  C5    . DT  A 1 7  ? 2.214   -2.850  2.710   1.00 13.79 ? 7   DT  A C5    1 
ATOM   140 C  C7    . DT  A 1 7  ? 1.808   -4.070  3.443   1.00 13.95 ? 7   DT  A C7    1 
ATOM   141 C  C6    . DT  A 1 7  ? 3.470   -2.600  2.325   1.00 13.51 ? 7   DT  A C6    1 
ATOM   142 P  P     . DT  A 1 8  ? 9.072   0.416   2.279   1.00 22.08 ? 8   DT  A P     1 
ATOM   143 O  OP1   . DT  A 1 8  ? 10.428  0.210   1.846   1.00 22.58 ? 8   DT  A OP1   1 
ATOM   144 O  OP2   . DT  A 1 8  ? 8.740   -0.069  3.607   1.00 24.19 ? 8   DT  A OP2   1 
ATOM   145 O  "O5'" . DT  A 1 8  ? 8.705   1.971   2.215   1.00 24.00 ? 8   DT  A "O5'" 1 
ATOM   146 C  "C5'" . DT  A 1 8  ? 7.659   2.426   1.319   1.00 20.54 ? 8   DT  A "C5'" 1 
ATOM   147 C  "C4'" . DT  A 1 8  ? 6.607   3.287   2.013   1.00 18.59 ? 8   DT  A "C4'" 1 
ATOM   148 O  "O4'" . DT  A 1 8  ? 5.549   2.501   2.408   1.00 18.13 ? 8   DT  A "O4'" 1 
ATOM   149 C  "C3'" . DT  A 1 8  ? 7.083   3.995   3.281   1.00 21.38 ? 8   DT  A "C3'" 1 
ATOM   150 O  "O3'" . DT  A 1 8  ? 6.817   5.414   3.122   1.00 25.39 ? 8   DT  A "O3'" 1 
ATOM   151 C  "C2'" . DT  A 1 8  ? 6.197   3.478   4.404   1.00 19.07 ? 8   DT  A "C2'" 1 
ATOM   152 C  "C1'" . DT  A 1 8  ? 5.025   3.062   3.589   1.00 17.33 ? 8   DT  A "C1'" 1 
ATOM   153 N  N1    . DT  A 1 8  ? 4.138   2.054   4.219   1.00 17.98 ? 8   DT  A N1    1 
ATOM   154 C  C2    . DT  A 1 8  ? 2.808   2.337   4.264   1.00 18.36 ? 8   DT  A C2    1 
ATOM   155 O  O2    . DT  A 1 8  ? 2.376   3.415   3.980   1.00 21.27 ? 8   DT  A O2    1 
ATOM   156 N  N3    . DT  A 1 8  ? 2.013   1.383   4.760   1.00 16.86 ? 8   DT  A N3    1 
ATOM   157 C  C4    . DT  A 1 8  ? 2.390   0.192   5.228   1.00 15.80 ? 8   DT  A C4    1 
ATOM   158 O  O4    . DT  A 1 8  ? 1.553   -0.603  5.647   1.00 15.23 ? 8   DT  A O4    1 
ATOM   159 C  C5    . DT  A 1 8  ? 3.783   -0.028  5.179   1.00 16.05 ? 8   DT  A C5    1 
ATOM   160 C  C7    . DT  A 1 8  ? 4.251   -1.319  5.732   1.00 16.80 ? 8   DT  A C7    1 
ATOM   161 C  C6    . DT  A 1 8  ? 4.609   0.886   4.674   1.00 16.79 ? 8   DT  A C6    1 
ATOM   162 P  P     . DC  A 1 9  ? 7.651   6.502   3.909   1.00 24.58 ? 9   DC  A P     1 
ATOM   163 O  OP1   . DC  A 1 9  ? 8.523   7.174   2.968   1.00 24.55 ? 9   DC  A OP1   1 
ATOM   164 O  OP2   . DC  A 1 9  ? 8.290   5.895   5.069   1.00 25.73 ? 9   DC  A OP2   1 
ATOM   165 O  "O5'" . DC  A 1 9  ? 6.504   7.493   4.365   1.00 24.40 ? 9   DC  A "O5'" 1 
ATOM   166 C  "C5'" . DC  A 1 9  ? 5.341   7.605   3.512   1.00 24.54 ? 9   DC  A "C5'" 1 
ATOM   167 C  "C4'" . DC  A 1 9  ? 4.137   8.044   4.301   1.00 26.33 ? 9   DC  A "C4'" 1 
ATOM   168 O  "O4'" . DC  A 1 9  ? 3.377   6.889   4.754   1.00 26.50 ? 9   DC  A "O4'" 1 
ATOM   169 C  "C3'" . DC  A 1 9  ? 4.537   8.803   5.527   1.00 27.78 ? 9   DC  A "C3'" 1 
ATOM   170 O  "O3'" . DC  A 1 9  ? 3.750   10.011  5.590   1.00 30.15 ? 9   DC  A "O3'" 1 
ATOM   171 C  "C2'" . DC  A 1 9  ? 4.229   7.919   6.714   1.00 27.46 ? 9   DC  A "C2'" 1 
ATOM   172 C  "C1'" . DC  A 1 9  ? 3.143   7.013   6.149   1.00 25.73 ? 9   DC  A "C1'" 1 
ATOM   173 N  N1    . DC  A 1 9  ? 3.113   5.631   6.749   1.00 24.79 ? 9   DC  A N1    1 
ATOM   174 C  C2    . DC  A 1 9  ? 1.887   5.100   7.144   1.00 25.13 ? 9   DC  A C2    1 
ATOM   175 O  O2    . DC  A 1 9  ? 0.844   5.764   7.048   1.00 27.37 ? 9   DC  A O2    1 
ATOM   176 N  N3    . DC  A 1 9  ? 1.863   3.871   7.687   1.00 23.70 ? 9   DC  A N3    1 
ATOM   177 C  C4    . DC  A 1 9  ? 2.954   3.188   7.844   1.00 22.68 ? 9   DC  A C4    1 
ATOM   178 N  N4    . DC  A 1 9  ? 2.851   1.994   8.352   1.00 23.09 ? 9   DC  A N4    1 
ATOM   179 C  C5    . DC  A 1 9  ? 4.207   3.695   7.469   1.00 23.19 ? 9   DC  A C5    1 
ATOM   180 C  C6    . DC  A 1 9  ? 4.234   4.928   6.912   1.00 23.75 ? 9   DC  A C6    1 
ATOM   181 P  P     . DG  A 1 10 ? 4.337   11.316  6.329   1.00 29.09 ? 10  DG  A P     1 
ATOM   182 O  OP1   . DG  A 1 10 ? 4.457   12.428  5.358   1.00 31.58 ? 10  DG  A OP1   1 
ATOM   183 O  OP2   . DG  A 1 10 ? 5.557   10.981  7.077   1.00 30.83 ? 10  DG  A OP2   1 
ATOM   184 O  "O5'" . DG  A 1 10 ? 3.195   11.619  7.362   1.00 30.20 ? 10  DG  A "O5'" 1 
ATOM   185 C  "C5'" . DG  A 1 10 ? 1.818   11.504  6.941   1.00 29.73 ? 10  DG  A "C5'" 1 
ATOM   186 C  "C4'" . DG  A 1 10 ? 0.911   11.237  8.150   1.00 28.37 ? 10  DG  A "C4'" 1 
ATOM   187 O  "O4'" . DG  A 1 10 ? 0.945   9.826   8.491   1.00 27.84 ? 10  DG  A "O4'" 1 
ATOM   188 C  "C3'" . DG  A 1 10 ? 1.410   11.933  9.391   1.00 27.21 ? 10  DG  A "C3'" 1 
ATOM   189 O  "O3'" . DG  A 1 10 ? 0.269   12.137  10.255  1.00 27.36 ? 10  DG  A "O3'" 1 
ATOM   190 C  "C2'" . DG  A 1 10 ? 2.343   10.926  10.043  1.00 26.08 ? 10  DG  A "C2'" 1 
ATOM   191 C  "C1'" . DG  A 1 10 ? 1.492   9.711   9.802   1.00 25.33 ? 10  DG  A "C1'" 1 
ATOM   192 N  N9    . DG  A 1 10 ? 2.174   8.375   9.925   1.00 24.55 ? 10  DG  A N9    1 
ATOM   193 C  C8    . DG  A 1 10 ? 3.503   8.034   9.855   1.00 23.28 ? 10  DG  A C8    1 
ATOM   194 N  N7    . DG  A 1 10 ? 3.724   6.778   10.109  1.00 21.93 ? 10  DG  A N7    1 
ATOM   195 C  C5    . DG  A 1 10 ? 2.476   6.270   10.365  1.00 22.04 ? 10  DG  A C5    1 
ATOM   196 C  C6    . DG  A 1 10 ? 2.090   4.991   10.829  1.00 22.97 ? 10  DG  A C6    1 
ATOM   197 O  O6    . DG  A 1 10 ? 2.801   3.984   11.012  1.00 22.69 ? 10  DG  A O6    1 
ATOM   198 N  N1    . DG  A 1 10 ? 0.714   4.942   11.089  1.00 21.74 ? 10  DG  A N1    1 
ATOM   199 C  C2    . DG  A 1 10 ? -0.141  5.983   10.929  1.00 20.13 ? 10  DG  A C2    1 
ATOM   200 N  N2    . DG  A 1 10 ? -1.403  5.761   11.190  1.00 19.47 ? 10  DG  A N2    1 
ATOM   201 N  N3    . DG  A 1 10 ? 0.209   7.148   10.503  1.00 21.99 ? 10  DG  A N3    1 
ATOM   202 C  C4    . DG  A 1 10 ? 1.526   7.231   10.240  1.00 21.92 ? 10  DG  A C4    1 
ATOM   203 P  P     . DC  A 1 11 ? -0.298  13.603  10.522  1.00 28.58 ? 11  DC  A P     1 
ATOM   204 O  OP1   . DC  A 1 11 ? -0.282  14.366  9.237   1.00 29.96 ? 11  DC  A OP1   1 
ATOM   205 O  OP2   . DC  A 1 11 ? 0.409   14.199  11.690  1.00 25.97 ? 11  DC  A OP2   1 
ATOM   206 O  "O5'" . DC  A 1 11 ? -1.785  13.323  10.933  1.00 27.49 ? 11  DC  A "O5'" 1 
ATOM   207 C  "C5'" . DC  A 1 11 ? -2.701  12.878  9.930   1.00 30.23 ? 11  DC  A "C5'" 1 
ATOM   208 C  "C4'" . DC  A 1 11 ? -3.481  11.707  10.453  1.00 29.54 ? 11  DC  A "C4'" 1 
ATOM   209 O  "O4'" . DC  A 1 11 ? -2.568  10.658  10.853  1.00 30.84 ? 11  DC  A "O4'" 1 
ATOM   210 C  "C3'" . DC  A 1 11 ? -4.272  12.086  11.722  1.00 30.05 ? 11  DC  A "C3'" 1 
ATOM   211 O  "O3'" . DC  A 1 11 ? -5.611  11.599  11.610  1.00 31.80 ? 11  DC  A "O3'" 1 
ATOM   212 C  "C2'" . DC  A 1 11 ? -3.586  11.420  12.906  1.00 28.90 ? 11  DC  A "C2'" 1 
ATOM   213 C  "C1'" . DC  A 1 11 ? -2.914  10.245  12.211  1.00 26.87 ? 11  DC  A "C1'" 1 
ATOM   214 N  N1    . DC  A 1 11 ? -1.681  9.769   12.852  1.00 21.46 ? 11  DC  A N1    1 
ATOM   215 C  C2    . DC  A 1 11 ? -1.632  8.469   13.191  1.00 20.16 ? 11  DC  A C2    1 
ATOM   216 O  O2    . DC  A 1 11 ? -2.629  7.794   13.105  1.00 21.12 ? 11  DC  A O2    1 
ATOM   217 N  N3    . DC  A 1 11 ? -0.504  7.972   13.663  1.00 18.69 ? 11  DC  A N3    1 
ATOM   218 C  C4    . DC  A 1 11 ? 0.552   8.731   13.812  1.00 20.10 ? 11  DC  A C4    1 
ATOM   219 N  N4    . DC  A 1 11 ? 1.670   8.181   14.232  1.00 22.12 ? 11  DC  A N4    1 
ATOM   220 C  C5    . DC  A 1 11 ? 0.523   10.102  13.493  1.00 20.31 ? 11  DC  A C5    1 
ATOM   221 C  C6    . DC  A 1 11 ? -0.635  10.571  13.005  1.00 20.21 ? 11  DC  A C6    1 
ATOM   222 P  P     . DG  A 1 12 ? -6.627  11.797  12.816  1.00 33.52 ? 12  DG  A P     1 
ATOM   223 O  OP1   . DG  A 1 12 ? -8.026  11.853  12.294  1.00 32.76 ? 12  DG  A OP1   1 
ATOM   224 O  OP2   . DG  A 1 12 ? -6.168  12.961  13.690  1.00 32.35 ? 12  DG  A OP2   1 
ATOM   225 O  "O5'" . DG  A 1 12 ? -6.470  10.441  13.674  1.00 32.42 ? 12  DG  A "O5'" 1 
ATOM   226 C  "C5'" . DG  A 1 12 ? -7.458  10.220  14.732  1.00 30.30 ? 12  DG  A "C5'" 1 
ATOM   227 C  "C4'" . DG  A 1 12 ? -6.818  9.660   16.021  1.00 28.36 ? 12  DG  A "C4'" 1 
ATOM   228 O  "O4'" . DG  A 1 12 ? -5.461  9.218   15.805  1.00 26.08 ? 12  DG  A "O4'" 1 
ATOM   229 C  "C3'" . DG  A 1 12 ? -6.720  10.705  17.109  1.00 26.65 ? 12  DG  A "C3'" 1 
ATOM   230 O  "O3'" . DG  A 1 12 ? -7.914  10.785  17.902  1.00 27.72 ? 12  DG  A "O3'" 1 
ATOM   231 C  "C2'" . DG  A 1 12 ? -5.560  10.304  17.997  1.00 24.30 ? 12  DG  A "C2'" 1 
ATOM   232 C  "C1'" . DG  A 1 12 ? -4.815  9.274   17.108  1.00 24.63 ? 12  DG  A "C1'" 1 
ATOM   233 N  N9    . DG  A 1 12 ? -3.403  9.601   16.916  1.00 23.25 ? 12  DG  A N9    1 
ATOM   234 C  C8    . DG  A 1 12 ? -2.847  10.790  16.518  1.00 23.68 ? 12  DG  A C8    1 
ATOM   235 N  N7    . DG  A 1 12 ? -1.556  10.795  16.575  1.00 22.86 ? 12  DG  A N7    1 
ATOM   236 C  C5    . DG  A 1 12 ? -1.239  9.550   17.034  1.00 21.90 ? 12  DG  A C5    1 
ATOM   237 C  C6    . DG  A 1 12 ? 0.009   8.939   17.148  1.00 21.25 ? 12  DG  A C6    1 
ATOM   238 O  O6    . DG  A 1 12 ? 1.108   9.404   16.940  1.00 21.69 ? 12  DG  A O6    1 
ATOM   239 N  N1    . DG  A 1 12 ? -0.110  7.631   17.492  1.00 21.12 ? 12  DG  A N1    1 
ATOM   240 C  C2    . DG  A 1 12 ? -1.267  6.989   17.697  1.00 19.66 ? 12  DG  A C2    1 
ATOM   241 N  N2    . DG  A 1 12 ? -1.165  5.742   18.061  1.00 19.90 ? 12  DG  A N2    1 
ATOM   242 N  N3    . DG  A 1 12 ? -2.441  7.531   17.573  1.00 19.69 ? 12  DG  A N3    1 
ATOM   243 C  C4    . DG  A 1 12 ? -2.363  8.806   17.245  1.00 21.09 ? 12  DG  A C4    1 
ATOM   244 O  "O5'" . DC  B 1 1  ? 7.182   2.214   19.862  1.00 34.50 ? 13  DC  B "O5'" 1 
ATOM   245 C  "C5'" . DC  B 1 1  ? 6.225   1.545   20.780  1.00 31.29 ? 13  DC  B "C5'" 1 
ATOM   246 C  "C4'" . DC  B 1 1  ? 4.807   1.573   20.178  1.00 29.17 ? 13  DC  B "C4'" 1 
ATOM   247 O  "O4'" . DC  B 1 1  ? 4.302   2.911   20.139  1.00 26.63 ? 13  DC  B "O4'" 1 
ATOM   248 C  "C3'" . DC  B 1 1  ? 4.811   1.116   18.735  1.00 28.75 ? 13  DC  B "C3'" 1 
ATOM   249 O  "O3'" . DC  B 1 1  ? 3.799   0.124   18.579  1.00 29.25 ? 13  DC  B "O3'" 1 
ATOM   250 C  "C2'" . DC  B 1 1  ? 4.453   2.329   17.890  1.00 27.83 ? 13  DC  B "C2'" 1 
ATOM   251 C  "C1'" . DC  B 1 1  ? 3.659   3.090   18.883  1.00 26.35 ? 13  DC  B "C1'" 1 
ATOM   252 N  N1    . DC  B 1 1  ? 3.587   4.524   18.626  1.00 27.25 ? 13  DC  B N1    1 
ATOM   253 C  C2    . DC  B 1 1  ? 2.338   5.083   18.405  1.00 27.43 ? 13  DC  B C2    1 
ATOM   254 O  O2    . DC  B 1 1  ? 1.330   4.401   18.470  1.00 25.45 ? 13  DC  B O2    1 
ATOM   255 N  N3    . DC  B 1 1  ? 2.264   6.421   18.200  1.00 28.87 ? 13  DC  B N3    1 
ATOM   256 C  C4    . DC  B 1 1  ? 3.366   7.188   18.236  1.00 28.75 ? 13  DC  B C4    1 
ATOM   257 N  N4    . DC  B 1 1  ? 3.233   8.504   18.116  1.00 30.08 ? 13  DC  B N4    1 
ATOM   258 C  C5    . DC  B 1 1  ? 4.647   6.630   18.461  1.00 29.96 ? 13  DC  B C5    1 
ATOM   259 C  C6    . DC  B 1 1  ? 4.705   5.289   18.654  1.00 28.49 ? 13  DC  B C6    1 
ATOM   260 P  P     . DG  B 1 2  ? 4.194   -1.370  18.195  1.00 29.11 ? 14  DG  B P     1 
ATOM   261 O  OP1   . DG  B 1 2  ? 5.043   -1.928  19.271  1.00 30.39 ? 14  DG  B OP1   1 
ATOM   262 O  OP2   . DG  B 1 2  ? 4.750   -1.448  16.807  1.00 26.94 ? 14  DG  B OP2   1 
ATOM   263 O  "O5'" . DG  B 1 2  ? 2.769   -2.055  18.224  1.00 27.74 ? 14  DG  B "O5'" 1 
ATOM   264 C  "C5'" . DG  B 1 2  ? 1.773   -1.494  19.101  1.00 25.50 ? 14  DG  B "C5'" 1 
ATOM   265 C  "C4'" . DG  B 1 2  ? 0.622   -0.885  18.320  1.00 22.89 ? 14  DG  B "C4'" 1 
ATOM   266 O  "O4'" . DG  B 1 2  ? 0.944   0.387   17.880  1.00 23.07 ? 14  DG  B "O4'" 1 
ATOM   267 C  "C3'" . DG  B 1 2  ? 0.271   -1.670  17.087  1.00 23.21 ? 14  DG  B "C3'" 1 
ATOM   268 O  "O3'" . DG  B 1 2  ? -0.966  -2.230  17.309  1.00 24.34 ? 14  DG  B "O3'" 1 
ATOM   269 C  "C2'" . DG  B 1 2  ? 0.158   -0.692  15.942  1.00 23.41 ? 14  DG  B "C2'" 1 
ATOM   270 C  "C1'" . DG  B 1 2  ? 0.222   0.615   16.671  1.00 21.44 ? 14  DG  B "C1'" 1 
ATOM   271 N  N9    . DG  B 1 2  ? 0.937   1.643   15.955  1.00 20.56 ? 14  DG  B N9    1 
ATOM   272 C  C8    . DG  B 1 2  ? 2.227   1.676   15.658  1.00 20.62 ? 14  DG  B C8    1 
ATOM   273 N  N7    . DG  B 1 2  ? 2.616   2.799   15.164  1.00 22.34 ? 14  DG  B N7    1 
ATOM   274 C  C5    . DG  B 1 2  ? 1.517   3.551   15.122  1.00 19.66 ? 14  DG  B C5    1 
ATOM   275 C  C6    . DG  B 1 2  ? 1.342   4.782   14.543  1.00 20.16 ? 14  DG  B C6    1 
ATOM   276 O  O6    . DG  B 1 2  ? 2.219   5.540   14.092  1.00 20.19 ? 14  DG  B O6    1 
ATOM   277 N  N1    . DG  B 1 2  ? 0.008   5.147   14.521  1.00 18.69 ? 14  DG  B N1    1 
ATOM   278 C  C2    . DG  B 1 2  ? -1.008  4.395   14.996  1.00 18.49 ? 14  DG  B C2    1 
ATOM   279 N  N2    . DG  B 1 2  ? -2.216  4.876   14.831  1.00 17.45 ? 14  DG  B N2    1 
ATOM   280 N  N3    . DG  B 1 2  ? -0.852  3.231   15.565  1.00 19.74 ? 14  DG  B N3    1 
ATOM   281 C  C4    . DG  B 1 2  ? 0.450   2.864   15.596  1.00 19.88 ? 14  DG  B C4    1 
ATOM   282 P  P     . DC  B 1 3  ? -1.669  -3.080  16.226  1.00 25.12 ? 15  DC  B P     1 
ATOM   283 O  OP1   . DC  B 1 3  ? -2.745  -3.858  16.884  1.00 26.28 ? 15  DC  B OP1   1 
ATOM   284 O  OP2   . DC  B 1 3  ? -0.698  -3.819  15.451  1.00 24.51 ? 15  DC  B OP2   1 
ATOM   285 O  "O5'" . DC  B 1 3  ? -2.305  -1.967  15.321  1.00 24.55 ? 15  DC  B "O5'" 1 
ATOM   286 C  "C5'" . DC  B 1 3  ? -3.721  -1.693  15.445  1.00 22.23 ? 15  DC  B "C5'" 1 
ATOM   287 C  "C4'" . DC  B 1 3  ? -4.088  -0.670  14.417  1.00 20.62 ? 15  DC  B "C4'" 1 
ATOM   288 O  "O4'" . DC  B 1 3  ? -3.023  0.236   14.219  1.00 19.97 ? 15  DC  B "O4'" 1 
ATOM   289 C  "C3'" . DC  B 1 3  ? -4.320  -1.304  13.118  1.00 20.24 ? 15  DC  B "C3'" 1 
ATOM   290 O  "O3'" . DC  B 1 3  ? -5.694  -1.322  12.881  1.00 22.95 ? 15  DC  B "O3'" 1 
ATOM   291 C  "C2'" . DC  B 1 3  ? -3.629  -0.501  12.055  1.00 19.87 ? 15  DC  B "C2'" 1 
ATOM   292 C  "C1'" . DC  B 1 3  ? -2.962  0.583   12.840  1.00 17.82 ? 15  DC  B "C1'" 1 
ATOM   293 N  N1    . DC  B 1 3  ? -1.543  0.799   12.495  1.00 14.19 ? 15  DC  B N1    1 
ATOM   294 C  C2    . DC  B 1 3  ? -1.183  2.017   12.067  1.00 13.72 ? 15  DC  B C2    1 
ATOM   295 O  O2    . DC  B 1 3  ? -2.014  2.905   11.966  1.00 13.75 ? 15  DC  B O2    1 
ATOM   296 N  N3    . DC  B 1 3  ? 0.114   2.243   11.810  1.00 13.52 ? 15  DC  B N3    1 
ATOM   297 C  C4    . DC  B 1 3  ? 1.016   1.304   11.981  1.00 12.99 ? 15  DC  B C4    1 
ATOM   298 N  N4    . DC  B 1 3  ? 2.285   1.579   11.733  1.00 13.37 ? 15  DC  B N4    1 
ATOM   299 C  C5    . DC  B 1 3  ? 0.657   0.033   12.418  1.00 12.74 ? 15  DC  B C5    1 
ATOM   300 C  C6    . DC  B 1 3  ? -0.642  -0.170  12.663  1.00 14.11 ? 15  DC  B C6    1 
ATOM   301 P  P     . DG  B 1 4  ? -6.250  -2.198  11.713  1.00 24.62 ? 16  DG  B P     1 
ATOM   302 O  OP1   . DG  B 1 4  ? -7.514  -2.856  12.117  1.00 25.64 ? 16  DG  B OP1   1 
ATOM   303 O  OP2   . DG  B 1 4  ? -5.184  -3.109  11.220  1.00 26.53 ? 16  DG  B OP2   1 
ATOM   304 O  "O5'" . DG  B 1 4  ? -6.545  -1.070  10.627  1.00 26.93 ? 16  DG  B "O5'" 1 
ATOM   305 C  "C5'" . DG  B 1 4  ? -7.664  -0.150  10.796  1.00 23.20 ? 16  DG  B "C5'" 1 
ATOM   306 C  "C4'" . DG  B 1 4  ? -7.404  1.127   9.998   1.00 22.18 ? 16  DG  B "C4'" 1 
ATOM   307 O  "O4'" . DG  B 1 4  ? -5.981  1.454   9.984   1.00 20.98 ? 16  DG  B "O4'" 1 
ATOM   308 C  "C3'" . DG  B 1 4  ? -7.785  0.966   8.573   1.00 22.93 ? 16  DG  B "C3'" 1 
ATOM   309 O  "O3'" . DG  B 1 4  ? -8.292  2.242   8.140   1.00 25.85 ? 16  DG  B "O3'" 1 
ATOM   310 C  "C2'" . DG  B 1 4  ? -6.493  0.642   7.836   1.00 21.74 ? 16  DG  B "C2'" 1 
ATOM   311 C  "C1'" . DG  B 1 4  ? -5.524  1.482   8.637   1.00 19.95 ? 16  DG  B "C1'" 1 
ATOM   312 N  N9    . DG  B 1 4  ? -4.102  1.002   8.608   1.00 17.73 ? 16  DG  B N9    1 
ATOM   313 C  C8    . DG  B 1 4  ? -3.638  -0.258  8.725   1.00 17.17 ? 16  DG  B C8    1 
ATOM   314 N  N7    . DG  B 1 4  ? -2.319  -0.340  8.756   1.00 18.39 ? 16  DG  B N7    1 
ATOM   315 C  C5    . DG  B 1 4  ? -1.888  0.953   8.640   1.00 16.98 ? 16  DG  B C5    1 
ATOM   316 C  C6    . DG  B 1 4  ? -0.570  1.465   8.508   1.00 17.27 ? 16  DG  B C6    1 
ATOM   317 O  O6    . DG  B 1 4  ? 0.488   0.877   8.603   1.00 18.17 ? 16  DG  B O6    1 
ATOM   318 N  N1    . DG  B 1 4  ? -0.563  2.800   8.279   1.00 16.22 ? 16  DG  B N1    1 
ATOM   319 C  C2    . DG  B 1 4  ? -1.651  3.576   8.178   1.00 16.85 ? 16  DG  B C2    1 
ATOM   320 N  N2    . DG  B 1 4  ? -1.422  4.838   7.917   1.00 16.88 ? 16  DG  B N2    1 
ATOM   321 N  N3    . DG  B 1 4  ? -2.899  3.138   8.313   1.00 17.33 ? 16  DG  B N3    1 
ATOM   322 C  C4    . DG  B 1 4  ? -2.952  1.806   8.545   1.00 17.62 ? 16  DG  B C4    1 
ATOM   323 P  P     . DA  B 1 5  ? -9.051  2.382   6.778   1.00 25.53 ? 17  DA  B P     1 
ATOM   324 O  OP1   . DA  B 1 5  ? -10.443 2.760   6.993   1.00 27.47 ? 17  DA  B OP1   1 
ATOM   325 O  OP2   . DA  B 1 5  ? -8.834  1.164   5.972   1.00 27.32 ? 17  DA  B OP2   1 
ATOM   326 O  "O5'" . DA  B 1 5  ? -8.309  3.590   6.136   1.00 26.17 ? 17  DA  B "O5'" 1 
ATOM   327 C  "C5'" . DA  B 1 5  ? -7.549  4.450   6.958   1.00 24.35 ? 17  DA  B "C5'" 1 
ATOM   328 C  "C4'" . DA  B 1 5  ? -6.650  5.297   6.116   1.00 24.79 ? 17  DA  B "C4'" 1 
ATOM   329 O  "O4'" . DA  B 1 5  ? -5.341  4.750   6.101   1.00 26.40 ? 17  DA  B "O4'" 1 
ATOM   330 C  "C3'" . DA  B 1 5  ? -7.082  5.321   4.688   1.00 25.23 ? 17  DA  B "C3'" 1 
ATOM   331 O  "O3'" . DA  B 1 5  ? -6.603  6.523   4.135   1.00 28.17 ? 17  DA  B "O3'" 1 
ATOM   332 C  "C2'" . DA  B 1 5  ? -6.369  4.184   4.041   1.00 25.41 ? 17  DA  B "C2'" 1 
ATOM   333 C  "C1'" . DA  B 1 5  ? -5.056  4.267   4.790   1.00 24.45 ? 17  DA  B "C1'" 1 
ATOM   334 N  N9    . DA  B 1 5  ? -4.340  2.964   4.926   1.00 24.45 ? 17  DA  B N9    1 
ATOM   335 C  C8    . DA  B 1 5  ? -4.849  1.704   4.927   1.00 22.68 ? 17  DA  B C8    1 
ATOM   336 N  N7    . DA  B 1 5  ? -3.939  0.781   5.014   1.00 23.56 ? 17  DA  B N7    1 
ATOM   337 C  C5    . DA  B 1 5  ? -2.768  1.458   5.071   1.00 22.55 ? 17  DA  B C5    1 
ATOM   338 C  C6    . DA  B 1 5  ? -1.435  1.032   5.053   1.00 23.56 ? 17  DA  B C6    1 
ATOM   339 N  N6    . DA  B 1 5  ? -1.094  -0.257  5.180   1.00 22.49 ? 17  DA  B N6    1 
ATOM   340 N  N1    . DA  B 1 5  ? -0.476  1.973   4.968   1.00 22.18 ? 17  DA  B N1    1 
ATOM   341 C  C2    . DA  B 1 5  ? -0.836  3.239   4.920   1.00 22.22 ? 17  DA  B C2    1 
ATOM   342 N  N3    . DA  B 1 5  ? -2.046  3.771   4.950   1.00 22.59 ? 17  DA  B N3    1 
ATOM   343 C  C4    . DA  B 1 5  ? -2.974  2.801   5.025   1.00 23.36 ? 17  DA  B C4    1 
ATOM   344 P  P     . DA  B 1 6  ? -7.280  7.143   2.846   1.00 28.75 ? 18  DA  B P     1 
ATOM   345 O  OP1   . DA  B 1 6  ? -8.003  8.317   3.251   1.00 31.36 ? 18  DA  B OP1   1 
ATOM   346 O  OP2   . DA  B 1 6  ? -8.051  6.125   2.106   1.00 28.86 ? 18  DA  B OP2   1 
ATOM   347 O  "O5'" . DA  B 1 6  ? -5.999  7.551   1.973   1.00 29.01 ? 18  DA  B "O5'" 1 
ATOM   348 C  "C5'" . DA  B 1 6  ? -4.779  7.927   2.675   1.00 28.52 ? 18  DA  B "C5'" 1 
ATOM   349 C  "C4'" . DA  B 1 6  ? -3.496  7.514   1.896   1.00 27.17 ? 18  DA  B "C4'" 1 
ATOM   350 O  "O4'" . DA  B 1 6  ? -3.118  6.206   2.236   1.00 25.28 ? 18  DA  B "O4'" 1 
ATOM   351 C  "C3'" . DA  B 1 6  ? -3.651  7.514   0.382   1.00 26.34 ? 18  DA  B "C3'" 1 
ATOM   352 O  "O3'" . DA  B 1 6  ? -2.456  8.080   -0.133  1.00 28.70 ? 18  DA  B "O3'" 1 
ATOM   353 C  "C2'" . DA  B 1 6  ? -3.699  6.080   -0.035  1.00 23.74 ? 18  DA  B "C2'" 1 
ATOM   354 C  "C1'" . DA  B 1 6  ? -2.811  5.512   1.034   1.00 20.92 ? 18  DA  B "C1'" 1 
ATOM   355 N  N9    . DA  B 1 6  ? -2.979  4.073   1.302   1.00 16.68 ? 18  DA  B N9    1 
ATOM   356 C  C8    . DA  B 1 6  ? -4.098  3.367   1.411   1.00 15.76 ? 18  DA  B C8    1 
ATOM   357 N  N7    . DA  B 1 6  ? -3.884  2.098   1.631   1.00 17.64 ? 18  DA  B N7    1 
ATOM   358 C  C5    . DA  B 1 6  ? -2.547  1.979   1.657   1.00 15.67 ? 18  DA  B C5    1 
ATOM   359 C  C6    . DA  B 1 6  ? -1.714  0.885   1.791   1.00 16.41 ? 18  DA  B C6    1 
ATOM   360 N  N6    . DA  B 1 6  ? -2.170  -0.343  1.995   1.00 18.26 ? 18  DA  B N6    1 
ATOM   361 N  N1    . DA  B 1 6  ? -0.400  1.089   1.714   1.00 14.95 ? 18  DA  B N1    1 
ATOM   362 C  C2    . DA  B 1 6  ? 0.041   2.300   1.517   1.00 14.67 ? 18  DA  B C2    1 
ATOM   363 N  N3    . DA  B 1 6  ? -0.635  3.415   1.386   1.00 15.35 ? 18  DA  B N3    1 
ATOM   364 C  C4    . DA  B 1 6  ? -1.957  3.163   1.467   1.00 15.60 ? 18  DA  B C4    1 
ATOM   365 P  P     . DT  B 1 7  ? -2.416  8.732   -1.587  1.00 30.67 ? 19  DT  B P     1 
ATOM   366 O  OP1   . DT  B 1 7  ? -2.088  10.179  -1.475  1.00 29.91 ? 19  DT  B OP1   1 
ATOM   367 O  OP2   . DT  B 1 7  ? -3.657  8.378   -2.345  1.00 31.39 ? 19  DT  B OP2   1 
ATOM   368 O  "O5'" . DT  B 1 7  ? -1.190  7.980   -2.207  1.00 27.11 ? 19  DT  B "O5'" 1 
ATOM   369 C  "C5'" . DT  B 1 7  ? 0.091   8.163   -1.599  1.00 22.53 ? 19  DT  B "C5'" 1 
ATOM   370 C  "C4'" . DT  B 1 7  ? 0.927   6.994   -1.935  1.00 21.58 ? 19  DT  B "C4'" 1 
ATOM   371 O  "O4'" . DT  B 1 7  ? 0.260   5.826   -1.539  1.00 20.85 ? 19  DT  B "O4'" 1 
ATOM   372 C  "C3'" . DT  B 1 7  ? 1.093   6.850   -3.426  1.00 21.29 ? 19  DT  B "C3'" 1 
ATOM   373 O  "O3'" . DT  B 1 7  ? 2.462   7.097   -3.789  1.00 23.26 ? 19  DT  B "O3'" 1 
ATOM   374 C  "C2'" . DT  B 1 7  ? 0.733   5.427   -3.789  1.00 19.96 ? 19  DT  B "C2'" 1 
ATOM   375 C  "C1'" . DT  B 1 7  ? 0.655   4.811   -2.417  1.00 19.48 ? 19  DT  B "C1'" 1 
ATOM   376 N  N1    . DT  B 1 7  ? -0.307  3.713   -2.273  1.00 15.97 ? 19  DT  B N1    1 
ATOM   377 C  C2    . DT  B 1 7  ? 0.202   2.467   -1.971  1.00 15.34 ? 19  DT  B C2    1 
ATOM   378 O  O2    . DT  B 1 7  ? 1.389   2.271   -1.855  1.00 15.01 ? 19  DT  B O2    1 
ATOM   379 N  N3    . DT  B 1 7  ? -0.710  1.475   -1.791  1.00 15.01 ? 19  DT  B N3    1 
ATOM   380 C  C4    . DT  B 1 7  ? -2.087  1.593   -1.899  1.00 16.23 ? 19  DT  B C4    1 
ATOM   381 O  O4    . DT  B 1 7  ? -2.825  0.628   -1.682  1.00 16.36 ? 19  DT  B O4    1 
ATOM   382 C  C5    . DT  B 1 7  ? -2.538  2.923   -2.235  1.00 16.63 ? 19  DT  B C5    1 
ATOM   383 C  C7    . DT  B 1 7  ? -4.026  3.109   -2.381  1.00 13.99 ? 19  DT  B C7    1 
ATOM   384 C  C6    . DT  B 1 7  ? -1.642  3.930   -2.406  1.00 16.04 ? 19  DT  B C6    1 
ATOM   385 P  P     . DT  B 1 8  ? 2.804   7.215   -5.325  1.00 24.03 ? 20  DT  B P     1 
ATOM   386 O  OP1   . DT  B 1 8  ? 3.732   8.334   -5.542  1.00 23.36 ? 20  DT  B OP1   1 
ATOM   387 O  OP2   . DT  B 1 8  ? 1.556   7.251   -6.073  1.00 22.32 ? 20  DT  B OP2   1 
ATOM   388 O  "O5'" . DT  B 1 8  ? 3.541   5.830   -5.658  1.00 23.82 ? 20  DT  B "O5'" 1 
ATOM   389 C  "C5'" . DT  B 1 8  ? 4.538   5.251   -4.761  1.00 21.72 ? 20  DT  B "C5'" 1 
ATOM   390 C  "C4'" . DT  B 1 8  ? 4.632   3.716   -4.966  1.00 20.69 ? 20  DT  B "C4'" 1 
ATOM   391 O  "O4'" . DT  B 1 8  ? 3.400   3.092   -4.642  1.00 18.78 ? 20  DT  B "O4'" 1 
ATOM   392 C  "C3'" . DT  B 1 8  ? 4.882   3.331   -6.401  1.00 20.73 ? 20  DT  B "C3'" 1 
ATOM   393 O  "O3'" . DT  B 1 8  ? 6.034   2.545   -6.455  1.00 24.61 ? 20  DT  B "O3'" 1 
ATOM   394 C  "C2'" . DT  B 1 8  ? 3.719   2.479   -6.852  1.00 18.52 ? 20  DT  B "C2'" 1 
ATOM   395 C  "C1'" . DT  B 1 8  ? 3.223   2.023   -5.533  1.00 17.70 ? 20  DT  B "C1'" 1 
ATOM   396 N  N1    . DT  B 1 8  ? 1.801   1.638   -5.497  1.00 17.68 ? 20  DT  B N1    1 
ATOM   397 C  C2    . DT  B 1 8  ? 1.525   0.387   -5.064  1.00 17.48 ? 20  DT  B C2    1 
ATOM   398 O  O2    . DT  B 1 8  ? 2.398   -0.406  -4.800  1.00 16.03 ? 20  DT  B O2    1 
ATOM   399 N  N3    . DT  B 1 8  ? 0.215   0.053   -4.973  1.00 17.72 ? 20  DT  B N3    1 
ATOM   400 C  C4    . DT  B 1 8  ? -0.830  0.828   -5.277  1.00 17.70 ? 20  DT  B C4    1 
ATOM   401 O  O4    . DT  B 1 8  ? -1.979  0.422   -5.114  1.00 19.61 ? 20  DT  B O4    1 
ATOM   402 C  C5    . DT  B 1 8  ? -0.471  2.116   -5.742  1.00 15.80 ? 20  DT  B C5    1 
ATOM   403 C  C7    . DT  B 1 8  ? -1.610  3.012   -6.133  1.00 17.53 ? 20  DT  B C7    1 
ATOM   404 C  C6    . DT  B 1 8  ? 0.823   2.488   -5.830  1.00 16.16 ? 20  DT  B C6    1 
ATOM   405 P  P     . DC  B 1 9  ? 6.716   2.345   -7.847  1.00 26.25 ? 21  DC  B P     1 
ATOM   406 O  OP1   . DC  B 1 9  ? 8.134   2.681   -7.744  1.00 26.72 ? 21  DC  B OP1   1 
ATOM   407 O  OP2   . DC  B 1 9  ? 5.955   3.091   -8.868  1.00 28.70 ? 21  DC  B OP2   1 
ATOM   408 O  "O5'" . DC  B 1 9  ? 6.531   0.795   -8.136  1.00 25.86 ? 21  DC  B "O5'" 1 
ATOM   409 C  "C5'" . DC  B 1 9  ? 6.786   -0.191  -7.110  1.00 23.55 ? 21  DC  B "C5'" 1 
ATOM   410 C  "C4'" . DC  B 1 9  ? 6.239   -1.532  -7.541  1.00 21.28 ? 21  DC  B "C4'" 1 
ATOM   411 O  "O4'" . DC  B 1 9  ? 4.852   -1.582  -7.275  1.00 19.87 ? 21  DC  B "O4'" 1 
ATOM   412 C  "C3'" . DC  B 1 9  ? 6.396   -1.746  -9.041  1.00 21.70 ? 21  DC  B "C3'" 1 
ATOM   413 O  "O3'" . DC  B 1 9  ? 7.169   -2.948  -9.252  1.00 22.87 ? 21  DC  B "O3'" 1 
ATOM   414 C  "C2'" . DC  B 1 9  ? 5.018   -1.905  -9.636  1.00 19.93 ? 21  DC  B "C2'" 1 
ATOM   415 C  "C1'" . DC  B 1 9  ? 4.180   -2.161  -8.389  1.00 18.22 ? 21  DC  B "C1'" 1 
ATOM   416 N  N1    . DC  B 1 9  ? 2.817   -1.578  -8.429  1.00 18.24 ? 21  DC  B N1    1 
ATOM   417 C  C2    . DC  B 1 9  ? 1.756   -2.369  -7.988  1.00 17.91 ? 21  DC  B C2    1 
ATOM   418 O  O2    . DC  B 1 9  ? 1.943   -3.528  -7.653  1.00 19.93 ? 21  DC  B O2    1 
ATOM   419 N  N3    . DC  B 1 9  ? 0.518   -1.840  -7.974  1.00 18.34 ? 21  DC  B N3    1 
ATOM   420 C  C4    . DC  B 1 9  ? 0.300   -0.583  -8.382  1.00 18.37 ? 21  DC  B C4    1 
ATOM   421 N  N4    . DC  B 1 9  ? -0.938  -0.093  -8.286  1.00 18.72 ? 21  DC  B N4    1 
ATOM   422 C  C5    . DC  B 1 9  ? 1.359   0.238   -8.852  1.00 17.24 ? 21  DC  B C5    1 
ATOM   423 C  C6    . DC  B 1 9  ? 2.610   -0.312  -8.853  1.00 18.45 ? 21  DC  B C6    1 
ATOM   424 P  P     . DG  B 1 10 ? 7.944   -3.206  -10.619 1.00 23.86 ? 22  DG  B P     1 
ATOM   425 O  OP1   . DG  B 1 10 ? 9.210   -3.865  -10.385 1.00 25.37 ? 22  DG  B OP1   1 
ATOM   426 O  OP2   . DG  B 1 10 ? 8.021   -1.977  -11.417 1.00 28.07 ? 22  DG  B OP2   1 
ATOM   427 O  "O5'" . DG  B 1 10 ? 6.976   -4.228  -11.284 1.00 24.10 ? 22  DG  B "O5'" 1 
ATOM   428 C  "C5'" . DG  B 1 10 ? 6.905   -5.526  -10.679 1.00 23.95 ? 22  DG  B "C5'" 1 
ATOM   429 C  "C4'" . DG  B 1 10 ? 5.644   -6.223  -11.071 1.00 22.86 ? 22  DG  B "C4'" 1 
ATOM   430 O  "O4'" . DG  B 1 10 ? 4.489   -5.432  -10.763 1.00 23.23 ? 22  DG  B "O4'" 1 
ATOM   431 C  "C3'" . DG  B 1 10 ? 5.605   -6.431  -12.520 1.00 22.53 ? 22  DG  B "C3'" 1 
ATOM   432 O  "O3'" . DG  B 1 10 ? 5.182   -7.751  -12.725 1.00 24.60 ? 22  DG  B "O3'" 1 
ATOM   433 C  "C2'" . DG  B 1 10 ? 4.574   -5.477  -13.049 1.00 21.34 ? 22  DG  B "C2'" 1 
ATOM   434 C  "C1'" . DG  B 1 10 ? 3.652   -5.470  -11.872 1.00 19.57 ? 22  DG  B "C1'" 1 
ATOM   435 N  N9    . DG  B 1 10 ? 2.729   -4.314  -11.811 1.00 17.78 ? 22  DG  B N9    1 
ATOM   436 C  C8    . DG  B 1 10 ? 2.934   -3.034  -12.240 1.00 17.24 ? 22  DG  B C8    1 
ATOM   437 N  N7    . DG  B 1 10 ? 1.896   -2.262  -12.086 1.00 16.34 ? 22  DG  B N7    1 
ATOM   438 C  C5    . DG  B 1 10 ? 0.951   -3.073  -11.536 1.00 16.03 ? 22  DG  B C5    1 
ATOM   439 C  C6    . DG  B 1 10 ? -0.379  -2.825  -11.313 1.00 16.23 ? 22  DG  B C6    1 
ATOM   440 O  O6    . DG  B 1 10 ? -0.975  -1.775  -11.425 1.00 19.45 ? 22  DG  B O6    1 
ATOM   441 N  N1    . DG  B 1 10 ? -1.049  -3.947  -10.925 1.00 15.94 ? 22  DG  B N1    1 
ATOM   442 C  C2    . DG  B 1 10 ? -0.510  -5.156  -10.777 1.00 13.84 ? 22  DG  B C2    1 
ATOM   443 N  N2    . DG  B 1 10 ? -1.338  -6.117  -10.464 1.00 12.47 ? 22  DG  B N2    1 
ATOM   444 N  N3    . DG  B 1 10 ? 0.753   -5.411  -10.965 1.00 14.67 ? 22  DG  B N3    1 
ATOM   445 C  C4    . DG  B 1 10 ? 1.435   -4.338  -11.342 1.00 16.35 ? 22  DG  B C4    1 
ATOM   446 P  P     . DC  B 1 11 ? 5.891   -8.599  -13.824 1.00 26.10 ? 23  DC  B P     1 
ATOM   447 O  OP1   . DC  B 1 11 ? 7.181   -9.080  -13.309 1.00 26.50 ? 23  DC  B OP1   1 
ATOM   448 O  OP2   . DC  B 1 11 ? 5.928   -7.826  -15.101 1.00 26.73 ? 23  DC  B OP2   1 
ATOM   449 O  "O5'" . DC  B 1 11 ? 4.869   -9.808  -13.965 1.00 26.72 ? 23  DC  B "O5'" 1 
ATOM   450 C  "C5'" . DC  B 1 11 ? 4.221   -10.318 -12.782 1.00 26.47 ? 23  DC  B "C5'" 1 
ATOM   451 C  "C4'" . DC  B 1 11 ? 2.730   -10.472 -12.997 1.00 24.60 ? 23  DC  B "C4'" 1 
ATOM   452 O  "O4'" . DC  B 1 11 ? 2.092   -9.263  -12.738 1.00 23.16 ? 23  DC  B "O4'" 1 
ATOM   453 C  "C3'" . DC  B 1 11 ? 2.391   -10.824 -14.412 1.00 25.54 ? 23  DC  B "C3'" 1 
ATOM   454 O  "O3'" . DC  B 1 11 ? 2.232   -12.270 -14.526 1.00 27.63 ? 23  DC  B "O3'" 1 
ATOM   455 C  "C2'" . DC  B 1 11 ? 1.100   -10.147 -14.736 1.00 24.06 ? 23  DC  B "C2'" 1 
ATOM   456 C  "C1'" . DC  B 1 11 ? 0.945   -9.164  -13.578 1.00 21.89 ? 23  DC  B "C1'" 1 
ATOM   457 N  N1    . DC  B 1 11 ? 0.817   -7.755  -14.016 1.00 19.51 ? 23  DC  B N1    1 
ATOM   458 C  C2    . DC  B 1 11 ? -0.385  -7.148  -13.854 1.00 16.55 ? 23  DC  B C2    1 
ATOM   459 O  O2    . DC  B 1 11 ? -1.287  -7.721  -13.279 1.00 15.91 ? 23  DC  B O2    1 
ATOM   460 N  N3    . DC  B 1 11 ? -0.524  -5.894  -14.297 1.00 15.37 ? 23  DC  B N3    1 
ATOM   461 C  C4    . DC  B 1 11 ? 0.493   -5.246  -14.854 1.00 16.79 ? 23  DC  B C4    1 
ATOM   462 N  N4    . DC  B 1 11 ? 0.333   -3.989  -15.202 1.00 15.97 ? 23  DC  B N4    1 
ATOM   463 C  C5    . DC  B 1 11 ? 1.733   -5.853  -15.032 1.00 17.24 ? 23  DC  B C5    1 
ATOM   464 C  C6    . DC  B 1 11 ? 1.851   -7.115  -14.589 1.00 18.79 ? 23  DC  B C6    1 
ATOM   465 P  P     . DG  B 1 12 ? 1.597   -12.922 -15.860 1.00 28.49 ? 24  DG  B P     1 
ATOM   466 O  OP1   . DG  B 1 12 ? 2.152   -14.252 -16.065 1.00 30.39 ? 24  DG  B OP1   1 
ATOM   467 O  OP2   . DG  B 1 12 ? 1.710   -11.992 -17.020 1.00 28.78 ? 24  DG  B OP2   1 
ATOM   468 O  "O5'" . DG  B 1 12 ? 0.092   -13.093 -15.449 1.00 28.39 ? 24  DG  B "O5'" 1 
ATOM   469 C  "C5'" . DG  B 1 12 ? -0.811  -13.457 -16.479 1.00 26.68 ? 24  DG  B "C5'" 1 
ATOM   470 C  "C4'" . DG  B 1 12 ? -2.117  -12.733 -16.316 1.00 25.34 ? 24  DG  B "C4'" 1 
ATOM   471 O  "O4'" . DG  B 1 12 ? -1.932  -11.430 -15.732 1.00 24.42 ? 24  DG  B "O4'" 1 
ATOM   472 C  "C3'" . DG  B 1 12 ? -2.752  -12.514 -17.636 1.00 23.52 ? 24  DG  B "C3'" 1 
ATOM   473 O  "O3'" . DG  B 1 12 ? -3.581  -13.606 -17.996 1.00 23.57 ? 24  DG  B "O3'" 1 
ATOM   474 C  "C2'" . DG  B 1 12 ? -3.571  -11.261 -17.521 1.00 22.75 ? 24  DG  B "C2'" 1 
ATOM   475 C  "C1'" . DG  B 1 12 ? -2.834  -10.513 -16.388 1.00 21.91 ? 24  DG  B "C1'" 1 
ATOM   476 N  N9    . DG  B 1 12 ? -2.039  -9.336  -16.859 1.00 20.11 ? 24  DG  B N9    1 
ATOM   477 C  C8    . DG  B 1 12 ? -0.726  -9.264  -17.237 1.00 20.06 ? 24  DG  B C8    1 
ATOM   478 N  N7    . DG  B 1 12 ? -0.357  -8.064  -17.570 1.00 20.70 ? 24  DG  B N7    1 
ATOM   479 C  C5    . DG  B 1 12 ? -1.491  -7.324  -17.411 1.00 19.39 ? 24  DG  B C5    1 
ATOM   480 C  C6    . DG  B 1 12 ? -1.699  -5.996  -17.634 1.00 19.90 ? 24  DG  B C6    1 
ATOM   481 O  O6    . DG  B 1 12 ? -0.891  -5.169  -17.955 1.00 23.22 ? 24  DG  B O6    1 
ATOM   482 N  N1    . DG  B 1 12 ? -3.009  -5.636  -17.382 1.00 18.21 ? 24  DG  B N1    1 
ATOM   483 C  C2    . DG  B 1 12 ? -3.948  -6.473  -16.966 1.00 17.28 ? 24  DG  B C2    1 
ATOM   484 N  N2    . DG  B 1 12 ? -5.158  -5.980  -16.818 1.00 19.71 ? 24  DG  B N2    1 
ATOM   485 N  N3    . DG  B 1 12 ? -3.754  -7.707  -16.742 1.00 17.41 ? 24  DG  B N3    1 
ATOM   486 C  C4    . DG  B 1 12 ? -2.510  -8.077  -16.980 1.00 18.02 ? 24  DG  B C4    1 
HETATM 487 C  C1    . RO2 C 2 .  ? 5.281   -5.448  -5.079  1.00 36.17 ? 25  RO2 A C1    1 
HETATM 488 C  C3    . RO2 C 2 .  ? 6.530   -5.156  -4.518  1.00 36.86 ? 25  RO2 A C3    1 
HETATM 489 O  O3    . RO2 C 2 .  ? 7.539   -6.122  -4.644  1.00 38.63 ? 25  RO2 A O3    1 
HETATM 490 C  C4    . RO2 C 2 .  ? 6.755   -3.925  -3.876  1.00 35.18 ? 25  RO2 A C4    1 
HETATM 491 C  C2    . RO2 C 2 .  ? 5.713   -2.981  -3.853  1.00 33.28 ? 25  RO2 A C2    1 
HETATM 492 C  C6    . RO2 C 2 .  ? 4.432   -3.266  -4.343  1.00 33.41 ? 25  RO2 A C6    1 
HETATM 493 C  C5    . RO2 C 2 .  ? 4.241   -4.503  -4.980  1.00 35.58 ? 25  RO2 A C5    1 
HETATM 494 C  C7    . RO2 C 2 .  ? 5.878   -1.649  -3.467  1.00 30.62 ? 25  RO2 A C7    1 
HETATM 495 N  N1    . RO2 C 2 .  ? 4.848   -0.977  -2.880  1.00 29.39 ? 25  RO2 A N1    1 
HETATM 496 C  C8    . RO2 C 2 .  ? 5.270   0.300   -2.527  1.00 28.21 ? 25  RO2 A C8    1 
HETATM 497 C  C9    . RO2 C 2 .  ? 6.581   0.376   -2.971  1.00 28.11 ? 25  RO2 A C9    1 
HETATM 498 N  N2    . RO2 C 2 .  ? 6.917   -0.814  -3.521  1.00 29.07 ? 25  RO2 A N2    1 
HETATM 499 C  C10   . RO2 C 2 .  ? 7.311   1.550   -2.784  1.00 26.69 ? 25  RO2 A C10   1 
HETATM 500 C  C11   . RO2 C 2 .  ? 6.628   2.596   -2.132  1.00 26.19 ? 25  RO2 A C11   1 
HETATM 501 C  C12   . RO2 C 2 .  ? 5.298   2.489   -1.703  1.00 24.53 ? 25  RO2 A C12   1 
HETATM 502 C  C13   . RO2 C 2 .  ? 4.597   1.339   -1.878  1.00 26.57 ? 25  RO2 A C13   1 
HETATM 503 C  C14   . RO2 C 2 .  ? 4.711   3.581   -1.091  1.00 23.25 ? 25  RO2 A C14   1 
HETATM 504 N  N3    . RO2 C 2 .  ? 3.496   3.570   -0.437  1.00 22.41 ? 25  RO2 A N3    1 
HETATM 505 C  C15   . RO2 C 2 .  ? 3.228   4.863   0.120   1.00 22.22 ? 25  RO2 A C15   1 
HETATM 506 C  C16   . RO2 C 2 .  ? 4.319   5.613   -0.267  1.00 22.63 ? 25  RO2 A C16   1 
HETATM 507 N  N4    . RO2 C 2 .  ? 5.133   4.823   -0.963  1.00 23.56 ? 25  RO2 A N4    1 
HETATM 508 C  C17   . RO2 C 2 .  ? 4.493   6.968   0.034   1.00 22.85 ? 25  RO2 A C17   1 
HETATM 509 C  C18   . RO2 C 2 .  ? 3.450   7.533   0.769   1.00 22.53 ? 25  RO2 A C18   1 
HETATM 510 C  C19   . RO2 C 2 .  ? 2.335   6.775   1.152   1.00 23.76 ? 25  RO2 A C19   1 
HETATM 511 N  N7    . RO2 C 2 .  ? 2.209   5.469   0.892   1.00 22.41 ? 25  RO2 A N7    1 
HETATM 512 N  N5    . RO2 C 2 .  ? 1.313   7.414   1.819   1.00 25.54 ? 25  RO2 A N5    1 
HETATM 513 C  C21   . RO2 C 2 .  ? 1.164   8.877   1.792   1.00 27.51 ? 25  RO2 A C21   1 
HETATM 514 C  C22   . RO2 C 2 .  ? -0.172  9.413   2.359   1.00 27.07 ? 25  RO2 A C22   1 
HETATM 515 N  N6    . RO2 C 2 .  ? -0.321  9.011   3.750   1.00 27.56 ? 25  RO2 A N6    1 
HETATM 516 C  C23   . RO2 C 2 .  ? 0.304   7.741   4.151   1.00 27.64 ? 25  RO2 A C23   1 
HETATM 517 C  C24   . RO2 C 2 .  ? 0.650   6.771   2.970   1.00 27.19 ? 25  RO2 A C24   1 
HETATM 518 C  C25   . RO2 C 2 .  ? 0.084   10.105  4.628   1.00 26.86 ? 25  RO2 A C25   1 
HETATM 519 MG MG    . MG  D 3 .  ? 5.986   -10.950 2.091   1.00 20.49 ? 26  MG  A MG    1 
HETATM 520 O  O     . HOH E 4 .  ? -1.176  -7.115  4.005   1.00 35.51 ? 28  HOH A O     1 
HETATM 521 O  O     . HOH E 4 .  ? 3.823   11.344  1.164   1.00 33.16 ? 29  HOH A O     1 
HETATM 522 O  O     . HOH E 4 .  ? -4.976  10.169  4.676   1.00 40.90 ? 30  HOH A O     1 
HETATM 523 O  O     . HOH E 4 .  ? 3.752   -7.606  4.046   1.00 21.36 ? 33  HOH A O     1 
HETATM 524 O  O     . HOH E 4 .  ? -4.783  13.975  15.801  1.00 35.22 ? 34  HOH A O     1 
HETATM 525 O  O     . HOH E 4 .  ? 7.992   -10.495 1.169   1.00 28.52 ? 37  HOH A O     1 
HETATM 526 O  O     . HOH E 4 .  ? 0.756   -0.279  -17.104 1.00 24.71 ? 38  HOH A O     1 
HETATM 527 O  O     . HOH E 4 .  ? 6.530   -13.044 1.922   1.00 16.94 ? 39  HOH A O     1 
HETATM 528 O  O     . HOH E 4 .  ? 5.414   -8.772  2.290   1.00 34.20 ? 40  HOH A O     1 
HETATM 529 O  O     . HOH E 4 .  ? 3.913   -11.447 2.488   1.00 28.96 ? 42  HOH A O     1 
HETATM 530 O  O     . HOH E 4 .  ? 7.367   -10.888 3.725   1.00 33.94 ? 43  HOH A O     1 
HETATM 531 O  O     . HOH E 4 .  ? 3.713   -10.445 -5.264  1.00 24.02 ? 45  HOH A O     1 
HETATM 532 O  O     . HOH E 4 .  ? 4.219   -13.637 -1.565  1.00 57.48 ? 46  HOH A O     1 
HETATM 533 O  O     . HOH E 4 .  ? -13.215 -5.279  -9.066  1.00 26.85 ? 47  HOH A O     1 
HETATM 534 O  O     . HOH E 4 .  ? -10.384 11.544  13.794  1.00 39.21 ? 48  HOH A O     1 
HETATM 535 O  O     . HOH E 4 .  ? 8.319   -1.028  5.845   1.00 22.24 ? 49  HOH A O     1 
HETATM 536 O  O     . HOH E 4 .  ? 6.030   -4.613  4.126   1.00 20.93 ? 50  HOH A O     1 
HETATM 537 O  O     . HOH E 4 .  ? -12.593 -8.265  -6.524  1.00 24.07 ? 55  HOH A O     1 
HETATM 538 O  O     . HOH E 4 .  ? 7.922   -5.335  -7.012  1.00 34.59 ? 57  HOH A O     1 
HETATM 539 O  O     . HOH E 4 .  ? 7.729   -9.870  -1.451  1.00 53.18 ? 58  HOH A O     1 
HETATM 540 O  O     . HOH E 4 .  ? -14.257 -3.138  -12.722 1.00 31.88 ? 59  HOH A O     1 
HETATM 541 O  O     . HOH E 4 .  ? -1.087  8.518   7.220   1.00 30.27 ? 61  HOH A O     1 
HETATM 542 O  O     . HOH E 4 .  ? -2.372  11.240  3.310   1.00 39.27 ? 62  HOH A O     1 
HETATM 543 O  O     . HOH E 4 .  ? -7.977  1.983   -12.091 1.00 49.01 ? 63  HOH A O     1 
HETATM 544 O  O     . HOH E 4 .  ? 7.397   -8.414  -3.589  1.00 45.90 ? 64  HOH A O     1 
HETATM 545 O  O     . HOH E 4 .  ? -2.714  8.890   5.237   1.00 35.56 ? 65  HOH A O     1 
HETATM 546 O  O     . HOH E 4 .  ? 8.956   -6.152  -2.640  1.00 46.20 ? 66  HOH A O     1 
HETATM 547 O  O     . HOH E 4 .  ? 1.242   -9.377  -6.143  1.00 38.53 ? 69  HOH A O     1 
HETATM 548 O  O     . HOH E 4 .  ? 2.210   -2.454  -18.272 1.00 37.92 ? 70  HOH A O     1 
HETATM 549 O  O     . HOH E 4 .  ? 3.847   -5.361  5.708   1.00 40.30 ? 71  HOH A O     1 
HETATM 550 O  O     . HOH E 4 .  ? 1.201   -7.993  3.191   1.00 56.54 ? 72  HOH A O     1 
HETATM 551 O  O     . HOH E 4 .  ? 0.085   -2.559  6.195   1.00 55.03 ? 73  HOH A O     1 
HETATM 552 O  O     . HOH E 4 .  ? 12.694  -5.166  -8.512  1.00 44.16 ? 74  HOH A O     1 
HETATM 553 O  O     . HOH E 4 .  ? -2.873  -14.048 -1.963  1.00 49.47 ? 75  HOH A O     1 
HETATM 554 O  O     . HOH E 4 .  ? -0.477  17.104  10.357  1.00 39.13 ? 77  HOH A O     1 
HETATM 555 O  O     . HOH E 4 .  ? 2.025   -7.399  6.675   1.00 37.74 ? 80  HOH A O     1 
HETATM 556 O  O     . HOH E 4 .  ? 11.340  -4.820  -2.727  1.00 43.47 ? 81  HOH A O     1 
HETATM 557 O  O     . HOH E 4 .  ? -3.849  14.308  13.529  1.00 56.50 ? 82  HOH A O     1 
HETATM 558 O  O     . HOH E 4 .  ? -5.557  1.309   -11.493 1.00 28.07 ? 83  HOH A O     1 
HETATM 559 O  O     . HOH E 4 .  ? 8.986   -2.046  -3.999  1.00 27.35 ? 84  HOH A O     1 
HETATM 560 O  O     . HOH E 4 .  ? -6.568  7.501   14.389  1.00 48.15 ? 86  HOH A O     1 
HETATM 561 O  O     . HOH E 4 .  ? -4.786  -1.910  -2.119  1.00 30.56 ? 87  HOH A O     1 
HETATM 562 O  O     . HOH E 4 .  ? 7.405   -3.272  6.257   1.00 29.56 ? 89  HOH A O     1 
HETATM 563 O  O     . HOH E 4 .  ? 10.945  -1.262  -2.177  1.00 35.30 ? 90  HOH A O     1 
HETATM 564 O  O     . HOH E 4 .  ? -2.232  14.088  6.816   1.00 27.61 ? 91  HOH A O     1 
HETATM 565 O  O     . HOH E 4 .  ? -6.170  3.522   -13.595 1.00 48.03 ? 92  HOH A O     1 
HETATM 566 O  O     . HOH E 4 .  ? 7.700   -11.806 -3.334  1.00 48.22 ? 93  HOH A O     1 
HETATM 567 O  O     . HOH E 4 .  ? 3.049   -6.946  -4.656  1.00 26.20 ? 95  HOH A O     1 
HETATM 568 O  O     . HOH E 4 .  ? -6.908  -8.462  -8.332  1.00 59.83 ? 96  HOH A O     1 
HETATM 569 O  O     . HOH E 4 .  ? 5.182   0.926   8.221   1.00 33.10 ? 97  HOH A O     1 
HETATM 570 O  O     . HOH E 4 .  ? 5.662   -10.595 -0.046  1.00 48.84 ? 98  HOH A O     1 
HETATM 571 O  O     . HOH E 4 .  ? -3.848  -2.368  0.502   1.00 44.22 ? 100 HOH A O     1 
HETATM 572 O  O     . HOH E 4 .  ? 5.985   14.731  5.153   1.00 46.48 ? 101 HOH A O     1 
HETATM 573 O  O     . HOH E 4 .  ? 11.018  -14.394 -3.521  1.00 31.54 ? 102 HOH A O     1 
HETATM 574 O  O     . HOH E 4 .  ? -3.608  8.935   8.655   1.00 42.68 ? 103 HOH A O     1 
HETATM 575 O  O     . HOH E 4 .  ? 8.961   -13.479 -4.929  1.00 55.47 ? 104 HOH A O     1 
HETATM 576 O  O     . HOH E 4 .  ? 10.641  -5.456  -6.842  1.00 48.23 ? 106 HOH A O     1 
HETATM 577 O  O     . HOH E 4 .  ? 7.005   10.371  -0.113  1.00 41.59 ? 107 HOH A O     1 
HETATM 578 O  O     . HOH E 4 .  ? 9.546   -13.168 -1.368  1.00 35.18 ? 108 HOH A O     1 
HETATM 579 O  O     . HOH E 4 .  ? 5.699   -12.623 -4.895  1.00 50.01 ? 110 HOH A O     1 
HETATM 580 O  O     . HOH F 4 .  ? 3.159   11.115  -1.443  1.00 33.51 ? 27  HOH B O     1 
HETATM 581 O  O     . HOH F 4 .  ? 4.495   5.409   -9.485  1.00 40.48 ? 31  HOH B O     1 
HETATM 582 O  O     . HOH F 4 .  ? -5.021  -1.891  5.390   1.00 42.33 ? 32  HOH B O     1 
HETATM 583 O  O     . HOH F 4 .  ? -5.315  -3.899  2.229   1.00 32.15 ? 35  HOH B O     1 
HETATM 584 O  O     . HOH F 4 .  ? -2.045  -8.825  -19.672 1.00 68.47 ? 36  HOH B O     1 
HETATM 585 O  O     . HOH F 4 .  ? 2.992   -8.000  -8.984  1.00 43.32 ? 41  HOH B O     1 
HETATM 586 O  O     . HOH F 4 .  ? 4.844   -0.667  14.499  1.00 23.24 ? 44  HOH B O     1 
HETATM 587 O  O     . HOH F 4 .  ? 2.986   -3.284  14.843  1.00 37.21 ? 51  HOH B O     1 
HETATM 588 O  O     . HOH F 4 .  ? 11.093  0.811   -5.146  1.00 31.01 ? 52  HOH B O     1 
HETATM 589 O  O     . HOH F 4 .  ? 9.191   -3.018  -6.447  1.00 36.18 ? 53  HOH B O     1 
HETATM 590 O  O     . HOH F 4 .  ? 5.305   1.985   14.323  1.00 31.52 ? 54  HOH B O     1 
HETATM 591 O  O     . HOH F 4 .  ? 3.747   -5.742  -7.731  1.00 30.12 ? 56  HOH B O     1 
HETATM 592 O  O     . HOH F 4 .  ? 1.004   -5.557  -19.461 1.00 30.19 ? 60  HOH B O     1 
HETATM 593 O  O     . HOH F 4 .  ? 2.254   -7.694  -18.750 1.00 29.81 ? 67  HOH B O     1 
HETATM 594 O  O     . HOH F 4 .  ? -11.164 5.795   6.926   1.00 30.58 ? 68  HOH B O     1 
HETATM 595 O  O     . HOH F 4 .  ? -3.254  6.873   7.090   1.00 55.76 ? 76  HOH B O     1 
HETATM 596 O  O     . HOH F 4 .  ? -2.409  6.381   4.624   1.00 30.85 ? 78  HOH B O     1 
HETATM 597 O  O     . HOH F 4 .  ? -1.406  2.203   -9.871  1.00 23.68 ? 79  HOH B O     1 
HETATM 598 O  O     . HOH F 4 .  ? -2.147  -2.640  4.798   1.00 39.87 ? 85  HOH B O     1 
HETATM 599 O  O     . HOH F 4 .  ? -1.487  -13.038 -13.544 1.00 39.20 ? 88  HOH B O     1 
HETATM 600 O  O     . HOH F 4 .  ? 7.783   1.225   17.463  1.00 41.41 ? 94  HOH B O     1 
HETATM 601 O  O     . HOH F 4 .  ? 8.619   1.670   -5.561  1.00 41.97 ? 99  HOH B O     1 
HETATM 602 O  O     . HOH F 4 .  ? 0.949   -8.893  -10.064 1.00 31.66 ? 105 HOH B O     1 
HETATM 603 O  O     . HOH F 4 .  ? -4.754  -1.460  2.802   1.00 42.41 ? 109 HOH B O     1 
# 
